data_7CY8
#
_entry.id   7CY8
#
_cell.length_a   154.488
_cell.length_b   125.646
_cell.length_c   64.058
_cell.angle_alpha   90.000
_cell.angle_beta   102.960
_cell.angle_gamma   90.000
#
_symmetry.space_group_name_H-M   'C 1 2 1'
#
loop_
_entity.id
_entity.type
_entity.pdbx_description
1 polymer 'Maltodextrin-binding protein,5-methylcytosine-modifying enzyme 1'
2 polymer "DNA (5'-D(P*(5CM)P*GP*CP*GP*CP*GP*GP*GP*A)-3')"
3 non-polymer 'ASCORBIC ACID'
4 non-polymer 1,2-ETHANEDIOL
5 non-polymer 'ISOPROPYL ALCOHOL'
6 non-polymer 'FE (II) ION'
7 water water
#
loop_
_entity_poly.entity_id
_entity_poly.type
_entity_poly.pdbx_seq_one_letter_code
_entity_poly.pdbx_strand_id
1 'polypeptide(L)'
;MKIEEGKLVIWINGDKGYNGLAEVGKKFEKDTGIKVTVEHPDKLEEKFPQVAATGDGPDIIFWAHDRFGGYAQSGLLAEI
TPAAAFQDKLYPFTWDAVRYNGKLIAYPIAVEALSLIYNKDLLPNPPKTWEEIPALDKELKAKGKSALMFNLQEPYFTWP
LIAADGGYAFKYAAGKYDIKDVGVDNAGAKAGLTFLVDLIKNKHMNADTDYSIAEAAFNKGETAMTINGPWAWSNIDTSA
VNYGVTVLPTFKGQPSKPFVGVLSAGINAASPNKELAKEFLENYLLTDEGLEAVNKDKPLGAVALKSYEEELAKDPRIAA
TMENAQKGEIMPNIPQMSAFWYAVRTAVINAASGRQTVDAALAAAQTNAARAAAMSVALASEYQLVQNAQLPQRWSQSAR
KSLAILEATARKEATAQMEAAGGSFCGQFPVDPAFKVLSLEYSAPNPDIARAIRRVDSVPNPPLPSHVVAIQSTAVDADL
SLAMGVSLTPGRHTSYLVDARALQQSNSAAVAARKADGDKWGPACDEMFRGCRCVTGQEVVFYTAVKEPAGEVEGGEGSL
FKPSFDGPAFRPSWGELSGKATGVVACVLQVPIGKETDIICAEYDNLVSKGQFATVDRFGGDHTVNMTGNALIQNDGKAI
SKGYAVAHRARVTSNVYGKANDVSLQRLAETVWSVVEKRLSFMPAYRDLVITEQGKPFMLGATATNIISLTENQGVMLHL
DTDDGVWTIILWFHRHSGIIAGGEFVLPSLGISFQPLDFTIVVFAANTIVHGTRPLQTTGKIIRWGSSHFLRFKDVNALA
QLGAAYGVDELDAKQRDQLEEVDAANSKDGVGAARRVASCMAAERKAAIEAQKAACVRGVVMNPCTGRMPSLLFWQVWRK
PPALAVRANAVAGKKRAAADVDFCGAAAALEHHHHHH
;
A
2 'polydeoxyribonucleotide' (DC)(DC)(5CM)(DG)(DC)(DG)(DC)(DG)(DG)(DG)(DA)(DT)(DG)(DT) C,D
#
loop_
_chem_comp.id
_chem_comp.type
_chem_comp.name
_chem_comp.formula
5CM DNA linking 5-METHYL-2'-DEOXY-CYTIDINE-5'-MONOPHOSPHATE 'C10 H16 N3 O7 P'
ASC L-saccharide 'ASCORBIC ACID' 'C6 H8 O6'
DA DNA linking 2'-DEOXYADENOSINE-5'-MONOPHOSPHATE 'C10 H14 N5 O6 P'
DC DNA linking 2'-DEOXYCYTIDINE-5'-MONOPHOSPHATE 'C9 H14 N3 O7 P'
DG DNA linking 2'-DEOXYGUANOSINE-5'-MONOPHOSPHATE 'C10 H14 N5 O7 P'
DT DNA linking THYMIDINE-5'-MONOPHOSPHATE 'C10 H15 N2 O8 P'
EDO non-polymer 1,2-ETHANEDIOL 'C2 H6 O2'
FE2 non-polymer 'FE (II) ION' 'Fe 2'
IPA non-polymer 'ISOPROPYL ALCOHOL' 'C3 H8 O'
#
# COMPACT_ATOMS: atom_id res chain seq x y z
N LEU A 8 2.61 -24.28 11.18
CA LEU A 8 2.42 -23.27 12.27
C LEU A 8 3.53 -22.21 12.28
N VAL A 9 3.47 -21.29 11.32
CA VAL A 9 4.37 -20.13 11.26
C VAL A 9 3.60 -18.93 11.83
N ILE A 10 3.97 -18.48 13.03
CA ILE A 10 3.20 -17.45 13.77
C ILE A 10 3.87 -16.08 13.69
N TRP A 11 3.14 -15.09 13.17
CA TRP A 11 3.67 -13.72 13.12
C TRP A 11 3.36 -12.99 14.44
N ILE A 12 4.31 -12.17 14.88
CA ILE A 12 4.14 -11.27 16.02
C ILE A 12 4.95 -10.01 15.75
N ASN A 13 4.54 -8.89 16.34
CA ASN A 13 5.32 -7.66 16.20
C ASN A 13 6.70 -7.84 16.83
N GLY A 14 7.68 -7.17 16.25
CA GLY A 14 9.07 -7.22 16.72
C GLY A 14 9.29 -6.86 18.18
N ASP A 15 8.49 -5.93 18.70
CA ASP A 15 8.66 -5.44 20.09
C ASP A 15 7.99 -6.29 21.17
N LYS A 16 7.54 -7.51 20.84
CA LYS A 16 6.96 -8.43 21.80
C LYS A 16 8.00 -9.48 22.22
N GLY A 17 7.57 -10.45 23.03
CA GLY A 17 8.43 -11.55 23.47
C GLY A 17 8.38 -12.78 22.56
N TYR A 18 9.06 -12.71 21.42
CA TYR A 18 9.08 -13.83 20.44
C TYR A 18 9.85 -15.10 20.89
N ASN A 19 10.98 -14.92 21.58
CA ASN A 19 11.79 -16.07 22.06
C ASN A 19 11.09 -16.93 23.12
N GLY A 20 10.26 -16.30 23.95
CA GLY A 20 9.48 -17.03 24.96
C GLY A 20 8.30 -17.77 24.34
N LEU A 21 7.69 -17.16 23.32
CA LEU A 21 6.68 -17.81 22.51
C LEU A 21 7.30 -19.00 21.77
N ALA A 22 8.50 -18.79 21.22
CA ALA A 22 9.28 -19.88 20.62
C ALA A 22 9.55 -21.02 21.61
N GLU A 23 9.69 -20.69 22.90
CA GLU A 23 9.78 -21.71 23.97
C GLU A 23 8.49 -22.53 24.08
N VAL A 24 7.34 -21.86 24.12
CA VAL A 24 6.04 -22.54 24.16
C VAL A 24 5.81 -23.42 22.93
N GLY A 25 6.24 -22.93 21.77
CA GLY A 25 6.15 -23.68 20.51
C GLY A 25 7.10 -24.86 20.40
N LYS A 26 8.27 -24.75 21.04
CA LYS A 26 9.20 -25.88 21.17
C LYS A 26 8.61 -26.96 22.07
N LYS A 27 8.04 -26.54 23.20
CA LYS A 27 7.30 -27.45 24.10
C LYS A 27 6.06 -28.08 23.44
N PHE A 28 5.54 -27.44 22.40
CA PHE A 28 4.45 -27.98 21.56
C PHE A 28 4.94 -28.97 20.49
N GLU A 29 5.85 -28.52 19.62
CA GLU A 29 6.44 -29.36 18.56
C GLU A 29 6.91 -30.72 19.08
N LYS A 30 7.47 -30.73 20.29
CA LYS A 30 7.86 -31.94 20.99
C LYS A 30 6.73 -32.97 21.07
N ASP A 31 5.61 -32.56 21.70
CA ASP A 31 4.49 -33.46 21.97
C ASP A 31 3.73 -33.94 20.71
N THR A 32 4.04 -33.39 19.54
CA THR A 32 3.43 -33.82 18.27
C THR A 32 4.44 -33.79 17.12
N VAL A 36 7.81 -25.01 16.21
CA VAL A 36 7.30 -24.09 15.18
C VAL A 36 8.09 -22.78 15.09
N THR A 37 7.81 -22.01 14.04
CA THR A 37 8.59 -20.81 13.71
C THR A 37 7.81 -19.49 13.92
N VAL A 38 8.25 -18.71 14.91
CA VAL A 38 7.73 -17.36 15.15
C VAL A 38 8.67 -16.34 14.48
N GLU A 39 8.11 -15.35 13.77
CA GLU A 39 8.88 -14.31 13.05
C GLU A 39 8.43 -12.90 13.43
N HIS A 40 9.23 -11.90 13.05
CA HIS A 40 8.95 -10.47 13.34
C HIS A 40 9.15 -9.58 12.09
N PRO A 41 8.31 -9.78 11.05
CA PRO A 41 8.40 -8.95 9.84
C PRO A 41 8.01 -7.48 10.08
N ASP A 42 8.69 -6.57 9.40
CA ASP A 42 8.46 -5.13 9.54
C ASP A 42 7.05 -4.75 9.08
N LYS A 43 6.43 -3.84 9.82
CA LYS A 43 5.05 -3.40 9.58
C LYS A 43 4.13 -4.59 9.25
N LEU A 44 3.98 -5.49 10.23
CA LEU A 44 3.12 -6.67 10.10
C LEU A 44 1.66 -6.29 9.87
N GLU A 45 1.22 -5.23 10.56
CA GLU A 45 -0.16 -4.73 10.41
C GLU A 45 -0.50 -4.21 9.01
N GLU A 46 0.48 -3.77 8.23
CA GLU A 46 0.23 -3.42 6.81
C GLU A 46 0.40 -4.67 5.89
N LYS A 47 1.42 -5.49 6.18
CA LYS A 47 1.74 -6.68 5.38
C LYS A 47 0.66 -7.78 5.42
N PHE A 48 0.16 -8.10 6.61
CA PHE A 48 -0.87 -9.15 6.75
C PHE A 48 -2.14 -8.87 5.93
N PRO A 49 -2.63 -7.60 5.91
CA PRO A 49 -3.82 -7.22 5.11
C PRO A 49 -3.65 -7.45 3.60
N GLN A 50 -2.52 -7.05 3.04
CA GLN A 50 -2.22 -7.30 1.62
C GLN A 50 -1.95 -8.80 1.33
N VAL A 51 -1.08 -9.40 2.14
CA VAL A 51 -0.48 -10.71 1.88
C VAL A 51 -1.31 -11.99 2.09
N ALA A 52 -2.51 -11.90 2.68
CA ALA A 52 -3.34 -13.10 2.94
C ALA A 52 -4.15 -13.49 1.70
N ALA A 53 -3.64 -14.46 0.95
CA ALA A 53 -4.30 -14.94 -0.26
C ALA A 53 -3.61 -16.20 -0.81
N ASP A 59 -0.58 -20.44 9.83
CA ASP A 59 -0.27 -19.05 10.17
C ASP A 59 -1.22 -18.52 11.25
N ILE A 60 -0.64 -18.13 12.39
CA ILE A 60 -1.33 -17.36 13.42
C ILE A 60 -0.74 -15.95 13.41
N ILE A 61 -1.57 -14.96 13.72
CA ILE A 61 -1.14 -13.54 13.75
C ILE A 61 -1.44 -12.94 15.13
N PHE A 62 -0.46 -12.23 15.69
CA PHE A 62 -0.55 -11.63 17.02
C PHE A 62 -0.53 -10.12 16.87
N TRP A 63 -1.70 -9.50 17.04
CA TRP A 63 -1.84 -8.05 16.92
C TRP A 63 -3.10 -7.57 17.63
N ALA A 64 -3.15 -6.28 17.94
CA ALA A 64 -4.32 -5.66 18.57
C ALA A 64 -5.62 -5.97 17.84
N HIS A 65 -6.67 -6.19 18.63
CA HIS A 65 -8.00 -6.53 18.11
C HIS A 65 -8.61 -5.54 17.13
N ASP A 66 -8.24 -4.26 17.23
CA ASP A 66 -8.84 -3.22 16.38
C ASP A 66 -8.60 -3.43 14.88
N ARG A 67 -7.42 -3.92 14.49
CA ARG A 67 -7.19 -4.31 13.09
C ARG A 67 -8.01 -5.53 12.68
N PHE A 68 -8.20 -6.46 13.61
CA PHE A 68 -8.88 -7.73 13.32
C PHE A 68 -10.34 -7.56 12.91
N GLY A 69 -10.98 -6.47 13.31
CA GLY A 69 -12.33 -6.13 12.82
C GLY A 69 -12.34 -5.79 11.34
N GLY A 70 -11.30 -5.07 10.89
CA GLY A 70 -11.08 -4.82 9.46
C GLY A 70 -10.75 -6.08 8.69
N TYR A 71 -9.96 -6.99 9.29
CA TYR A 71 -9.66 -8.28 8.68
C TYR A 71 -10.90 -9.18 8.58
N ALA A 72 -11.87 -8.99 9.47
CA ALA A 72 -13.14 -9.73 9.47
C ALA A 72 -14.10 -9.26 8.36
N GLN A 73 -14.19 -7.95 8.17
CA GLN A 73 -14.89 -7.39 6.99
C GLN A 73 -14.17 -7.78 5.69
N SER A 74 -12.88 -8.08 5.79
CA SER A 74 -12.05 -8.57 4.69
C SER A 74 -11.97 -10.12 4.57
N GLY A 75 -12.65 -10.85 5.47
CA GLY A 75 -12.68 -12.32 5.45
C GLY A 75 -11.36 -13.06 5.49
N LEU A 76 -10.31 -12.43 6.04
CA LEU A 76 -8.98 -13.03 6.11
C LEU A 76 -8.68 -13.65 7.49
N LEU A 77 -9.73 -13.96 8.26
CA LEU A 77 -9.58 -14.55 9.60
C LEU A 77 -10.59 -15.67 9.79
N ALA A 78 -10.11 -16.82 10.27
CA ALA A 78 -10.93 -18.01 10.53
C ALA A 78 -11.82 -17.77 11.75
N GLU A 79 -13.11 -18.12 11.67
CA GLU A 79 -13.98 -18.03 12.85
C GLU A 79 -13.43 -18.99 13.90
N ILE A 80 -13.15 -18.47 15.09
CA ILE A 80 -12.66 -19.27 16.23
C ILE A 80 -13.88 -19.98 16.85
N THR A 81 -13.70 -21.23 17.29
CA THR A 81 -14.78 -22.05 17.86
C THR A 81 -14.36 -22.62 19.22
N PRO A 82 -14.17 -21.75 20.22
CA PRO A 82 -13.63 -22.20 21.50
C PRO A 82 -14.73 -22.86 22.34
N ALA A 83 -14.40 -23.85 23.17
CA ALA A 83 -15.40 -24.47 24.05
C ALA A 83 -15.84 -23.46 25.11
N ALA A 84 -17.08 -23.58 25.57
CA ALA A 84 -17.62 -22.67 26.59
C ALA A 84 -16.85 -22.74 27.93
N ALA A 85 -16.22 -23.89 28.19
CA ALA A 85 -15.33 -24.05 29.35
C ALA A 85 -14.01 -23.30 29.16
N PHE A 86 -13.53 -23.21 27.93
CA PHE A 86 -12.35 -22.41 27.63
C PHE A 86 -12.63 -20.92 27.79
N GLN A 87 -13.78 -20.48 27.26
CA GLN A 87 -14.20 -19.08 27.39
C GLN A 87 -14.36 -18.62 28.84
N ASP A 88 -14.53 -19.56 29.76
CA ASP A 88 -14.53 -19.25 31.19
C ASP A 88 -13.12 -18.96 31.73
N LYS A 89 -12.09 -19.52 31.09
CA LYS A 89 -10.70 -19.30 31.53
C LYS A 89 -10.21 -17.84 31.31
N LEU A 90 -10.79 -17.15 30.32
CA LEU A 90 -10.44 -15.76 30.06
C LEU A 90 -11.53 -14.84 30.57
N TYR A 91 -11.22 -13.55 30.67
CA TYR A 91 -12.20 -12.55 31.12
C TYR A 91 -13.23 -12.30 30.01
N PRO A 92 -14.50 -12.07 30.38
CA PRO A 92 -15.58 -11.78 29.44
C PRO A 92 -15.39 -10.59 28.47
N PHE A 93 -14.95 -9.43 28.97
CA PHE A 93 -14.73 -8.25 28.09
C PHE A 93 -13.66 -8.49 27.02
N THR A 94 -12.65 -9.33 27.31
CA THR A 94 -11.65 -9.68 26.31
C THR A 94 -12.27 -10.42 25.10
N TRP A 95 -13.20 -11.35 25.34
CA TRP A 95 -13.92 -12.01 24.23
C TRP A 95 -14.81 -11.03 23.43
N ASP A 96 -15.38 -10.02 24.09
CA ASP A 96 -16.14 -8.96 23.39
C ASP A 96 -15.25 -8.16 22.43
N ALA A 97 -13.96 -8.06 22.72
CA ALA A 97 -13.00 -7.36 21.83
C ALA A 97 -12.72 -8.07 20.52
N VAL A 98 -12.99 -9.37 20.44
CA VAL A 98 -12.63 -10.20 19.29
C VAL A 98 -13.82 -10.72 18.48
N ARG A 99 -15.04 -10.32 18.84
CA ARG A 99 -16.24 -10.80 18.17
C ARG A 99 -16.78 -9.76 17.19
N TYR A 100 -16.60 -9.99 15.87
CA TYR A 100 -17.13 -9.11 14.80
C TYR A 100 -18.35 -9.75 14.14
N ASN A 101 -19.43 -8.98 13.99
CA ASN A 101 -20.70 -9.48 13.41
C ASN A 101 -21.12 -10.81 14.04
N GLY A 102 -21.10 -10.87 15.37
CA GLY A 102 -21.46 -12.07 16.12
C GLY A 102 -20.61 -13.34 16.00
N LYS A 103 -19.40 -13.23 15.43
CA LYS A 103 -18.48 -14.37 15.24
C LYS A 103 -17.12 -14.08 15.88
N LEU A 104 -16.63 -14.95 16.77
CA LEU A 104 -15.32 -14.75 17.43
C LEU A 104 -14.19 -14.82 16.39
N ILE A 105 -13.53 -13.69 16.13
CA ILE A 105 -12.47 -13.59 15.12
C ILE A 105 -11.04 -13.98 15.59
N ALA A 106 -10.80 -14.10 16.91
CA ALA A 106 -9.47 -14.46 17.47
C ALA A 106 -9.49 -14.79 18.97
N TYR A 107 -8.33 -15.17 19.52
CA TYR A 107 -8.16 -15.43 20.96
C TYR A 107 -7.44 -14.27 21.65
N PRO A 108 -8.03 -13.72 22.73
CA PRO A 108 -7.33 -12.70 23.52
C PRO A 108 -6.07 -13.23 24.20
N ILE A 109 -5.16 -12.31 24.53
CA ILE A 109 -3.92 -12.65 25.22
C ILE A 109 -3.59 -11.63 26.31
N ALA A 110 -3.31 -10.39 25.90
CA ALA A 110 -2.93 -9.33 26.83
C ALA A 110 -3.93 -8.20 26.77
N VAL A 111 -3.97 -7.42 27.83
CA VAL A 111 -4.87 -6.29 27.95
C VAL A 111 -4.02 -5.09 28.31
N GLU A 112 -4.14 -4.01 27.54
CA GLU A 112 -3.41 -2.78 27.83
C GLU A 112 -4.33 -1.55 27.80
N ALA A 113 -4.07 -0.65 28.73
CA ALA A 113 -4.68 0.66 28.72
C ALA A 113 -3.81 1.61 29.53
N LEU A 114 -4.09 2.89 29.37
CA LEU A 114 -3.39 3.95 30.07
C LEU A 114 -3.70 3.91 31.55
N SER A 115 -2.71 4.25 32.35
CA SER A 115 -2.90 4.42 33.79
C SER A 115 -2.28 5.73 34.21
N LEU A 116 -2.45 6.03 35.48
CA LEU A 116 -1.85 7.18 36.10
C LEU A 116 -0.53 6.79 36.71
N ILE A 117 0.53 7.45 36.30
CA ILE A 117 1.87 7.17 36.81
C ILE A 117 2.28 8.36 37.65
N TYR A 118 2.83 8.11 38.84
CA TYR A 118 3.11 9.20 39.75
C TYR A 118 4.40 9.00 40.53
N ASN A 119 5.07 10.10 40.83
CA ASN A 119 6.31 10.12 41.58
C ASN A 119 5.98 10.08 43.07
N LYS A 120 6.42 9.04 43.76
CA LYS A 120 6.12 8.86 45.19
C LYS A 120 6.80 9.86 46.12
N ASP A 121 7.94 10.39 45.70
CA ASP A 121 8.71 11.31 46.54
C ASP A 121 8.17 12.74 46.51
N LEU A 122 7.55 13.14 45.39
CA LEU A 122 6.82 14.42 45.32
C LEU A 122 5.36 14.26 45.75
N LEU A 123 4.80 13.06 45.58
CA LEU A 123 3.36 12.84 45.67
C LEU A 123 3.03 11.46 46.25
N PRO A 124 3.25 11.27 47.56
CA PRO A 124 2.90 10.02 48.25
C PRO A 124 1.46 9.56 48.08
N ASN A 125 0.54 10.53 47.99
CA ASN A 125 -0.88 10.25 47.76
C ASN A 125 -1.34 10.94 46.48
N PRO A 126 -1.46 10.20 45.38
CA PRO A 126 -1.87 10.80 44.12
C PRO A 126 -3.34 11.24 44.20
N PRO A 127 -3.75 12.29 43.47
CA PRO A 127 -5.14 12.75 43.54
C PRO A 127 -6.13 11.74 42.95
N LYS A 128 -7.19 11.38 43.69
CA LYS A 128 -8.22 10.44 43.19
C LYS A 128 -9.17 11.07 42.12
N THR A 129 -9.24 12.41 42.04
CA THR A 129 -10.10 13.11 41.05
C THR A 129 -9.30 14.14 40.26
N TRP A 130 -9.71 14.38 39.01
CA TRP A 130 -9.09 15.42 38.16
C TRP A 130 -9.21 16.82 38.79
N GLU A 131 -10.36 17.11 39.42
CA GLU A 131 -10.60 18.45 40.00
C GLU A 131 -9.57 18.86 41.08
N GLU A 132 -8.97 17.91 41.79
CA GLU A 132 -7.88 18.22 42.76
C GLU A 132 -6.58 18.73 42.08
N ILE A 133 -6.33 18.35 40.83
CA ILE A 133 -5.04 18.64 40.15
C ILE A 133 -4.67 20.13 40.11
N PRO A 134 -5.61 21.02 39.74
CA PRO A 134 -5.24 22.43 39.77
C PRO A 134 -4.70 22.91 41.14
N ALA A 135 -5.35 22.52 42.24
CA ALA A 135 -4.83 22.85 43.59
C ALA A 135 -3.40 22.32 43.80
N LEU A 136 -3.15 21.05 43.43
CA LEU A 136 -1.80 20.46 43.57
C LEU A 136 -0.73 21.16 42.72
N ASP A 137 -1.08 21.63 41.53
CA ASP A 137 -0.11 22.30 40.67
C ASP A 137 0.39 23.58 41.35
N LYS A 138 -0.52 24.31 41.97
CA LYS A 138 -0.15 25.51 42.74
C LYS A 138 1.00 25.20 43.71
N GLU A 139 0.77 24.21 44.58
CA GLU A 139 1.77 23.81 45.60
C GLU A 139 3.08 23.39 44.96
N LEU A 140 3.00 22.52 43.94
CA LEU A 140 4.21 21.97 43.33
C LEU A 140 4.97 22.99 42.49
N LYS A 141 4.28 23.98 41.92
CA LYS A 141 4.94 25.13 41.27
C LYS A 141 5.77 25.95 42.26
N ALA A 142 5.29 26.08 43.50
CA ALA A 142 6.08 26.73 44.57
C ALA A 142 7.42 26.02 44.83
N LYS A 143 7.44 24.69 44.71
CA LYS A 143 8.69 23.92 44.80
C LYS A 143 9.48 23.86 43.48
N GLY A 144 9.03 24.56 42.44
CA GLY A 144 9.68 24.52 41.14
C GLY A 144 9.35 23.32 40.25
N LYS A 145 8.33 22.54 40.64
CA LYS A 145 7.89 21.34 39.89
C LYS A 145 6.44 21.54 39.41
N SER A 146 5.85 20.53 38.78
CA SER A 146 4.45 20.59 38.29
C SER A 146 3.67 19.33 38.66
N ALA A 147 2.35 19.46 38.72
CA ALA A 147 1.49 18.33 39.11
C ALA A 147 1.39 17.21 38.05
N LEU A 148 1.23 17.58 36.79
CA LEU A 148 0.92 16.63 35.70
C LEU A 148 1.55 17.04 34.36
N MET A 149 2.14 16.09 33.63
CA MET A 149 2.60 16.30 32.25
C MET A 149 2.37 15.01 31.45
N PHE A 150 1.47 15.04 30.47
CA PHE A 150 1.22 13.91 29.56
C PHE A 150 1.03 14.40 28.14
N ASN A 151 1.16 13.48 27.20
CA ASN A 151 1.08 13.85 25.79
C ASN A 151 -0.30 14.39 25.45
N LEU A 152 -0.38 15.69 25.17
CA LEU A 152 -1.63 16.33 24.77
C LEU A 152 -1.88 16.35 23.26
N GLN A 153 -0.93 15.85 22.47
CA GLN A 153 -0.99 15.93 21.03
C GLN A 153 -1.83 14.85 20.37
N GLU A 154 -1.94 13.68 21.00
CA GLU A 154 -2.74 12.58 20.44
C GLU A 154 -4.02 12.37 21.24
N PRO A 155 -5.18 12.31 20.56
CA PRO A 155 -6.45 12.05 21.24
C PRO A 155 -6.51 10.76 22.05
N TYR A 156 -5.74 9.73 21.67
CA TYR A 156 -5.62 8.50 22.49
C TYR A 156 -5.36 8.83 23.95
N PHE A 157 -4.53 9.83 24.20
CA PHE A 157 -4.14 10.24 25.55
C PHE A 157 -5.10 11.19 26.26
N THR A 158 -5.80 12.03 25.50
CA THR A 158 -6.71 13.04 26.07
C THR A 158 -8.16 12.57 26.19
N TRP A 159 -8.51 11.54 25.41
CA TRP A 159 -9.85 10.98 25.40
C TRP A 159 -10.37 10.45 26.76
N PRO A 160 -9.50 9.80 27.56
CA PRO A 160 -10.00 9.32 28.85
C PRO A 160 -10.68 10.42 29.68
N LEU A 161 -10.05 11.59 29.79
CA LEU A 161 -10.66 12.73 30.48
C LEU A 161 -11.93 13.19 29.75
N ILE A 162 -11.84 13.43 28.44
CA ILE A 162 -12.97 13.90 27.64
C ILE A 162 -14.21 13.02 27.79
N ALA A 163 -14.03 11.71 27.72
CA ALA A 163 -15.15 10.77 27.74
C ALA A 163 -15.59 10.30 29.13
N ALA A 164 -14.96 10.81 30.19
CA ALA A 164 -15.29 10.36 31.55
C ALA A 164 -16.76 10.59 31.86
N ASP A 165 -17.24 11.79 31.56
CA ASP A 165 -18.60 12.23 31.90
C ASP A 165 -19.63 11.91 30.82
N GLY A 166 -19.33 10.97 29.93
CA GLY A 166 -20.15 10.74 28.74
C GLY A 166 -19.40 11.21 27.52
N GLY A 167 -19.88 10.77 26.35
CA GLY A 167 -19.14 10.98 25.12
C GLY A 167 -18.37 9.71 24.78
N TYR A 168 -18.47 9.33 23.51
CA TYR A 168 -18.07 8.01 23.01
C TYR A 168 -17.69 8.19 21.54
N ALA A 169 -17.13 7.15 20.92
CA ALA A 169 -16.70 7.25 19.51
C ALA A 169 -17.87 7.00 18.58
N PHE A 170 -18.26 5.74 18.48
CA PHE A 170 -19.44 5.31 17.75
C PHE A 170 -20.29 4.51 18.72
N LYS A 171 -21.60 4.73 18.69
CA LYS A 171 -22.53 4.03 19.59
C LYS A 171 -22.54 2.54 19.31
N TYR A 172 -22.62 1.73 20.37
CA TYR A 172 -22.53 0.27 20.26
C TYR A 172 -23.80 -0.39 20.74
N ALA A 173 -24.37 -1.25 19.90
CA ALA A 173 -25.58 -2.00 20.24
C ALA A 173 -25.75 -3.20 19.30
N ALA A 174 -26.31 -4.29 19.83
CA ALA A 174 -26.55 -5.52 19.08
C ALA A 174 -25.29 -6.10 18.40
N GLY A 175 -24.15 -5.95 19.06
CA GLY A 175 -22.87 -6.40 18.51
C GLY A 175 -22.37 -5.64 17.28
N LYS A 176 -22.82 -4.40 17.08
CA LYS A 176 -22.43 -3.58 15.92
C LYS A 176 -22.37 -2.09 16.28
N TYR A 177 -21.44 -1.36 15.66
CA TYR A 177 -21.26 0.08 15.88
C TYR A 177 -22.04 0.91 14.84
N ASP A 178 -22.93 1.78 15.31
CA ASP A 178 -23.68 2.67 14.41
C ASP A 178 -22.79 3.86 14.03
N ILE A 179 -22.28 3.85 12.80
CA ILE A 179 -21.36 4.89 12.33
C ILE A 179 -22.02 6.28 12.19
N LYS A 180 -23.35 6.33 12.22
CA LYS A 180 -24.08 7.60 12.13
C LYS A 180 -24.22 8.25 13.52
N ASP A 181 -23.99 7.48 14.58
CA ASP A 181 -24.19 7.93 15.95
C ASP A 181 -22.84 8.11 16.60
N VAL A 182 -22.32 9.33 16.48
CA VAL A 182 -21.03 9.71 17.06
C VAL A 182 -21.29 10.48 18.35
N GLY A 183 -20.39 10.35 19.31
CA GLY A 183 -20.54 10.98 20.63
C GLY A 183 -19.49 12.00 20.99
N VAL A 184 -19.02 12.72 19.99
CA VAL A 184 -18.04 13.78 20.19
C VAL A 184 -18.72 15.02 20.81
N ASP A 185 -19.93 15.31 20.33
CA ASP A 185 -20.67 16.53 20.70
C ASP A 185 -21.45 16.42 22.03
N ASN A 186 -21.54 15.22 22.60
CA ASN A 186 -22.29 15.00 23.85
C ASN A 186 -21.85 15.94 24.97
N ALA A 187 -22.77 16.28 25.87
CA ALA A 187 -22.48 17.20 26.98
C ALA A 187 -21.31 16.72 27.85
N GLY A 188 -21.26 15.40 28.08
CA GLY A 188 -20.13 14.79 28.79
C GLY A 188 -18.79 15.10 28.14
N ALA A 189 -18.72 14.93 26.82
CA ALA A 189 -17.51 15.28 26.08
C ALA A 189 -17.20 16.78 26.18
N LYS A 190 -18.23 17.63 26.09
CA LYS A 190 -18.02 19.09 26.15
C LYS A 190 -17.41 19.50 27.51
N ALA A 191 -17.91 18.94 28.62
CA ALA A 191 -17.35 19.26 29.95
C ALA A 191 -15.89 18.83 30.10
N GLY A 192 -15.59 17.62 29.65
CA GLY A 192 -14.24 17.06 29.74
C GLY A 192 -13.21 17.84 28.93
N LEU A 193 -13.53 18.15 27.68
CA LEU A 193 -12.63 18.98 26.85
C LEU A 193 -12.49 20.36 27.48
N THR A 194 -13.59 20.87 28.05
CA THR A 194 -13.54 22.14 28.76
C THR A 194 -12.54 22.09 29.92
N PHE A 195 -12.62 21.07 30.78
CA PHE A 195 -11.68 20.95 31.90
C PHE A 195 -10.21 20.86 31.44
N LEU A 196 -9.94 20.12 30.37
CA LEU A 196 -8.57 20.04 29.83
C LEU A 196 -8.05 21.43 29.39
N VAL A 197 -8.90 22.20 28.69
CA VAL A 197 -8.52 23.56 28.25
C VAL A 197 -8.36 24.52 29.42
N ASP A 198 -9.24 24.45 30.44
CA ASP A 198 -9.09 25.26 31.66
C ASP A 198 -7.71 25.04 32.30
N LEU A 199 -7.29 23.77 32.43
CA LEU A 199 -5.95 23.47 32.97
C LEU A 199 -4.85 24.16 32.12
N ILE A 200 -4.99 24.16 30.80
CA ILE A 200 -4.01 24.85 29.94
C ILE A 200 -3.98 26.37 30.16
N LYS A 201 -5.16 27.00 30.26
CA LYS A 201 -5.24 28.47 30.41
C LYS A 201 -4.55 28.98 31.67
N ASN A 202 -4.63 28.20 32.73
CA ASN A 202 -4.01 28.56 34.00
C ASN A 202 -2.53 28.15 34.10
N LYS A 203 -1.91 27.80 32.97
CA LYS A 203 -0.51 27.35 32.92
C LYS A 203 -0.20 26.06 33.71
N HIS A 204 -1.22 25.34 34.17
CA HIS A 204 -1.03 24.06 34.84
C HIS A 204 -0.46 23.02 33.84
N MET A 205 -0.98 23.04 32.61
CA MET A 205 -0.41 22.33 31.46
C MET A 205 -0.16 23.35 30.33
N ASN A 206 0.75 23.02 29.40
CA ASN A 206 1.00 23.84 28.19
C ASN A 206 0.66 22.98 26.98
N ALA A 207 -0.15 23.55 26.08
CA ALA A 207 -0.61 22.84 24.89
C ALA A 207 0.49 22.33 23.96
N ASP A 208 1.75 22.68 24.25
CA ASP A 208 2.92 22.16 23.53
C ASP A 208 3.25 20.72 23.89
N THR A 209 2.90 20.30 25.10
CA THR A 209 3.42 19.04 25.67
C THR A 209 3.11 17.83 24.79
N ASP A 210 4.18 17.20 24.31
CA ASP A 210 4.10 16.01 23.48
C ASP A 210 4.59 14.79 24.28
N TYR A 211 4.62 13.64 23.63
CA TYR A 211 5.07 12.41 24.29
C TYR A 211 6.49 12.52 24.84
N SER A 212 7.43 12.95 24.01
CA SER A 212 8.86 12.98 24.39
C SER A 212 9.15 13.97 25.52
N ILE A 213 8.50 15.12 25.48
CA ILE A 213 8.59 16.13 26.54
C ILE A 213 8.12 15.55 27.87
N ALA A 214 6.87 15.07 27.89
CA ALA A 214 6.24 14.57 29.12
C ALA A 214 6.99 13.38 29.70
N GLU A 215 7.45 12.48 28.83
CA GLU A 215 8.28 11.35 29.27
C GLU A 215 9.59 11.83 29.89
N ALA A 216 10.22 12.84 29.29
CA ALA A 216 11.50 13.33 29.81
C ALA A 216 11.32 14.05 31.15
N ALA A 217 10.26 14.86 31.25
CA ALA A 217 9.94 15.58 32.48
C ALA A 217 9.56 14.65 33.64
N PHE A 218 8.86 13.55 33.36
CA PHE A 218 8.52 12.61 34.42
C PHE A 218 9.73 11.78 34.85
N ASN A 219 10.44 11.21 33.88
CA ASN A 219 11.60 10.36 34.23
C ASN A 219 12.76 11.15 34.85
N LYS A 220 12.74 12.49 34.71
CA LYS A 220 13.72 13.38 35.35
C LYS A 220 13.24 13.98 36.69
N GLY A 221 12.06 13.60 37.16
CA GLY A 221 11.50 14.10 38.43
C GLY A 221 10.91 15.49 38.39
N GLU A 222 10.70 16.06 37.19
CA GLU A 222 10.28 17.45 37.06
C GLU A 222 8.78 17.65 37.19
N THR A 223 8.00 16.57 37.12
CA THR A 223 6.55 16.62 37.33
C THR A 223 6.12 15.43 38.18
N ALA A 224 5.00 15.58 38.88
CA ALA A 224 4.57 14.60 39.87
C ALA A 224 3.77 13.45 39.27
N MET A 225 3.19 13.65 38.09
CA MET A 225 2.40 12.62 37.43
C MET A 225 2.48 12.74 35.91
N THR A 226 2.36 11.60 35.23
CA THR A 226 2.09 11.55 33.79
C THR A 226 1.03 10.47 33.56
N ILE A 227 0.58 10.35 32.31
CA ILE A 227 -0.43 9.38 31.92
C ILE A 227 0.19 8.56 30.80
N ASN A 228 0.35 7.26 31.04
CA ASN A 228 0.98 6.41 30.04
C ASN A 228 0.61 4.94 30.24
N GLY A 229 0.92 4.15 29.22
CA GLY A 229 0.70 2.71 29.23
C GLY A 229 1.92 1.95 29.70
N PRO A 230 1.89 0.62 29.64
CA PRO A 230 3.03 -0.21 30.11
C PRO A 230 4.41 -0.09 29.41
N TRP A 231 4.43 0.19 28.10
CA TRP A 231 5.67 0.52 27.35
C TRP A 231 6.57 1.55 28.04
N ALA A 232 5.97 2.57 28.65
CA ALA A 232 6.73 3.57 29.37
C ALA A 232 7.38 2.97 30.63
N TRP A 233 6.74 1.96 31.24
CA TRP A 233 7.27 1.38 32.50
C TRP A 233 8.71 0.95 32.31
N SER A 234 8.98 0.24 31.21
CA SER A 234 10.37 -0.18 30.97
C SER A 234 11.34 1.01 31.01
N ASN A 235 11.01 2.11 30.31
CA ASN A 235 11.91 3.30 30.37
C ASN A 235 12.03 3.95 31.78
N ILE A 236 10.96 3.97 32.57
CA ILE A 236 11.00 4.61 33.91
C ILE A 236 11.89 3.81 34.85
N ASP A 237 11.90 2.50 34.68
CA ASP A 237 12.70 1.57 35.49
C ASP A 237 14.21 1.89 35.45
N THR A 238 14.70 2.48 34.34
CA THR A 238 16.09 2.95 34.24
C THR A 238 16.36 4.27 34.98
N SER A 239 15.32 5.08 35.20
CA SER A 239 15.44 6.35 35.91
C SER A 239 15.63 6.16 37.40
N ALA A 240 15.94 7.26 38.08
CA ALA A 240 16.03 7.31 39.54
C ALA A 240 14.67 7.55 40.23
N VAL A 241 13.57 7.51 39.48
CA VAL A 241 12.27 7.89 40.02
C VAL A 241 11.62 6.72 40.74
N ASN A 242 11.16 6.97 41.96
CA ASN A 242 10.34 6.03 42.69
C ASN A 242 8.90 6.36 42.35
N TYR A 243 8.30 5.49 41.53
CA TYR A 243 7.01 5.74 40.93
C TYR A 243 6.01 4.65 41.25
N GLY A 244 4.74 5.02 41.27
CA GLY A 244 3.64 4.07 41.32
C GLY A 244 2.77 4.24 40.09
N VAL A 245 1.85 3.29 39.92
CA VAL A 245 0.91 3.27 38.81
C VAL A 245 -0.46 2.94 39.37
N THR A 246 -1.43 3.80 39.12
CA THR A 246 -2.71 3.72 39.79
C THR A 246 -3.84 4.06 38.83
N VAL A 247 -5.06 4.08 39.34
CA VAL A 247 -6.24 4.40 38.53
C VAL A 247 -6.23 5.84 38.05
N LEU A 248 -6.77 6.05 36.86
CA LEU A 248 -6.89 7.39 36.30
C LEU A 248 -7.88 8.17 37.15
N PRO A 249 -7.61 9.48 37.38
CA PRO A 249 -8.49 10.28 38.24
C PRO A 249 -9.93 10.29 37.72
N THR A 250 -10.93 10.33 38.60
CA THR A 250 -12.33 10.48 38.15
C THR A 250 -12.58 11.94 37.74
N PHE A 251 -13.52 12.16 36.82
CA PHE A 251 -13.97 13.53 36.42
C PHE A 251 -15.46 13.63 36.66
N LYS A 252 -15.86 14.59 37.49
CA LYS A 252 -17.27 14.68 37.93
C LYS A 252 -17.73 13.34 38.51
N GLY A 253 -16.91 12.78 39.39
CA GLY A 253 -17.18 11.49 40.01
C GLY A 253 -17.22 10.28 39.09
N GLN A 254 -16.82 10.45 37.83
CA GLN A 254 -16.92 9.41 36.81
C GLN A 254 -15.56 8.82 36.52
N PRO A 255 -15.51 7.49 36.29
CA PRO A 255 -14.27 6.88 35.82
C PRO A 255 -13.85 7.48 34.49
N SER A 256 -12.58 7.85 34.39
CA SER A 256 -11.98 8.20 33.10
C SER A 256 -11.97 6.92 32.27
N LYS A 257 -12.25 7.04 30.98
CA LYS A 257 -12.41 5.87 30.09
C LYS A 257 -11.26 5.82 29.08
N PRO A 258 -10.13 5.19 29.44
CA PRO A 258 -9.07 4.99 28.44
C PRO A 258 -9.48 3.90 27.45
N PHE A 259 -9.05 4.01 26.20
CA PHE A 259 -9.29 2.93 25.25
C PHE A 259 -8.45 1.72 25.65
N VAL A 260 -9.02 0.55 25.38
CA VAL A 260 -8.42 -0.73 25.77
C VAL A 260 -8.00 -1.44 24.51
N GLY A 261 -6.73 -1.84 24.45
CA GLY A 261 -6.20 -2.67 23.37
C GLY A 261 -5.94 -4.06 23.94
N VAL A 262 -6.51 -5.08 23.29
CA VAL A 262 -6.31 -6.50 23.63
C VAL A 262 -5.36 -7.12 22.60
N LEU A 263 -4.10 -7.42 22.97
CA LEU A 263 -3.23 -8.19 22.07
C LEU A 263 -3.92 -9.53 21.84
N SER A 264 -4.13 -9.89 20.59
CA SER A 264 -4.96 -11.03 20.23
C SER A 264 -4.31 -11.91 19.16
N ALA A 265 -4.49 -13.21 19.29
CA ALA A 265 -3.98 -14.19 18.34
C ALA A 265 -5.11 -14.72 17.46
N GLY A 266 -4.97 -14.54 16.15
CA GLY A 266 -5.98 -14.97 15.17
C GLY A 266 -5.45 -15.96 14.15
N ILE A 267 -6.35 -16.74 13.57
CA ILE A 267 -6.01 -17.77 12.58
C ILE A 267 -6.64 -17.37 11.26
N ASN A 268 -5.85 -17.37 10.18
CA ASN A 268 -6.34 -16.88 8.88
C ASN A 268 -7.07 -17.97 8.08
N ALA A 269 -8.12 -17.56 7.34
CA ALA A 269 -8.94 -18.48 6.54
C ALA A 269 -8.20 -19.12 5.34
N ALA A 270 -6.96 -18.68 5.09
CA ALA A 270 -6.08 -19.30 4.09
C ALA A 270 -5.04 -20.22 4.76
N SER A 271 -5.48 -21.06 5.70
CA SER A 271 -4.58 -21.92 6.50
C SER A 271 -4.98 -23.39 6.39
N PRO A 272 -4.00 -24.30 6.21
CA PRO A 272 -4.27 -25.73 6.35
C PRO A 272 -4.54 -26.14 7.80
N ASN A 273 -3.60 -25.78 8.69
CA ASN A 273 -3.65 -26.18 10.10
C ASN A 273 -4.60 -25.21 10.83
N LYS A 274 -5.82 -25.68 11.13
CA LYS A 274 -6.84 -24.86 11.78
C LYS A 274 -7.27 -25.42 13.14
N GLU A 275 -7.63 -26.71 13.17
CA GLU A 275 -7.90 -27.40 14.44
C GLU A 275 -6.61 -27.70 15.21
N LEU A 276 -5.49 -27.89 14.48
CA LEU A 276 -4.17 -28.05 15.09
C LEU A 276 -3.73 -26.77 15.80
N ALA A 277 -3.80 -25.65 15.10
CA ALA A 277 -3.51 -24.33 15.67
C ALA A 277 -4.43 -23.96 16.84
N LYS A 278 -5.71 -24.30 16.72
CA LYS A 278 -6.69 -24.12 17.80
C LYS A 278 -6.32 -24.92 19.06
N GLU A 279 -5.78 -26.13 18.87
CA GLU A 279 -5.28 -26.93 20.00
C GLU A 279 -4.04 -26.31 20.65
N PHE A 280 -3.11 -25.80 19.84
CA PHE A 280 -1.89 -25.16 20.35
C PHE A 280 -2.19 -23.90 21.18
N LEU A 281 -3.08 -23.05 20.68
CA LEU A 281 -3.44 -21.81 21.39
C LEU A 281 -4.19 -22.10 22.69
N GLU A 282 -5.15 -23.02 22.66
CA GLU A 282 -5.98 -23.28 23.84
C GLU A 282 -5.18 -23.89 24.98
N ASN A 283 -4.36 -24.91 24.69
CA ASN A 283 -3.69 -25.68 25.76
C ASN A 283 -2.17 -25.85 25.59
N TYR A 284 -1.53 -24.93 24.87
CA TYR A 284 -0.07 -24.80 24.90
C TYR A 284 0.42 -23.36 25.16
N LEU A 285 -0.40 -22.35 24.91
CA LEU A 285 -0.05 -20.95 25.25
C LEU A 285 -0.96 -20.29 26.28
N LEU A 286 -2.28 -20.37 26.12
CA LEU A 286 -3.21 -19.76 27.09
C LEU A 286 -3.30 -20.61 28.38
N THR A 287 -2.14 -20.83 28.96
CA THR A 287 -1.99 -21.51 30.24
C THR A 287 -1.00 -20.66 31.06
N ASP A 288 -0.97 -20.85 32.38
CA ASP A 288 -0.02 -20.10 33.21
C ASP A 288 1.43 -20.39 32.81
N GLU A 289 1.76 -21.66 32.51
CA GLU A 289 3.12 -22.03 32.08
C GLU A 289 3.55 -21.31 30.79
N GLY A 290 2.68 -21.36 29.77
CA GLY A 290 2.97 -20.74 28.47
C GLY A 290 3.02 -19.21 28.50
N LEU A 291 2.03 -18.57 29.12
CA LEU A 291 2.03 -17.10 29.23
C LEU A 291 3.22 -16.60 30.08
N GLU A 292 3.61 -17.39 31.10
CA GLU A 292 4.79 -17.07 31.93
C GLU A 292 6.10 -17.11 31.16
N ALA A 293 6.27 -18.10 30.28
CA ALA A 293 7.46 -18.15 29.43
C ALA A 293 7.55 -16.88 28.57
N VAL A 294 6.42 -16.46 27.99
CA VAL A 294 6.41 -15.21 27.20
C VAL A 294 6.69 -13.98 28.10
N ASN A 295 6.06 -13.92 29.28
CA ASN A 295 6.23 -12.77 30.19
C ASN A 295 7.69 -12.60 30.63
N LYS A 296 8.40 -13.74 30.74
CA LYS A 296 9.84 -13.75 31.01
C LYS A 296 10.65 -13.13 29.87
N ASP A 297 10.30 -13.45 28.63
CA ASP A 297 10.96 -12.82 27.47
C ASP A 297 10.72 -11.29 27.47
N LYS A 298 9.48 -10.87 27.24
CA LYS A 298 9.08 -9.46 27.32
C LYS A 298 7.89 -9.33 28.26
N PRO A 299 7.70 -8.15 28.87
CA PRO A 299 6.57 -8.01 29.80
C PRO A 299 5.24 -7.95 29.04
N LEU A 300 4.33 -8.85 29.39
CA LEU A 300 3.06 -8.98 28.68
C LEU A 300 2.04 -7.92 29.09
N GLY A 301 2.29 -7.24 30.21
CA GLY A 301 1.32 -6.35 30.81
C GLY A 301 0.26 -7.18 31.50
N ALA A 302 -0.97 -6.67 31.50
CA ALA A 302 -2.11 -7.45 31.97
C ALA A 302 -2.43 -8.55 30.98
N VAL A 303 -3.18 -9.53 31.45
CA VAL A 303 -3.42 -10.78 30.72
C VAL A 303 -4.91 -11.08 30.68
N ALA A 304 -5.35 -11.71 29.59
CA ALA A 304 -6.75 -12.11 29.42
C ALA A 304 -7.08 -13.41 30.17
N LEU A 305 -6.11 -14.30 30.32
CA LEU A 305 -6.30 -15.53 31.10
C LEU A 305 -6.50 -15.20 32.57
N LYS A 306 -7.66 -15.58 33.14
CA LYS A 306 -7.96 -15.26 34.55
C LYS A 306 -6.92 -15.84 35.53
N SER A 307 -6.46 -17.05 35.25
CA SER A 307 -5.54 -17.76 36.16
C SER A 307 -4.23 -16.99 36.33
N TYR A 308 -3.58 -16.70 35.20
CA TYR A 308 -2.30 -15.97 35.21
C TYR A 308 -2.44 -14.48 35.58
N GLU A 309 -3.57 -13.84 35.23
CA GLU A 309 -3.79 -12.42 35.61
C GLU A 309 -3.80 -12.25 37.14
N GLU A 310 -4.40 -13.19 37.87
CA GLU A 310 -4.36 -13.16 39.33
C GLU A 310 -2.90 -13.24 39.87
N GLU A 311 -2.02 -14.00 39.19
CA GLU A 311 -0.59 -14.04 39.58
C GLU A 311 0.12 -12.70 39.35
N LEU A 312 -0.10 -12.11 38.18
CA LEU A 312 0.57 -10.86 37.78
C LEU A 312 0.07 -9.64 38.55
N ALA A 313 -1.22 -9.59 38.83
CA ALA A 313 -1.84 -8.47 39.56
C ALA A 313 -1.34 -8.30 41.00
N LYS A 314 -0.57 -9.27 41.52
CA LYS A 314 0.24 -9.05 42.73
C LYS A 314 1.14 -7.81 42.57
N ASP A 315 1.56 -7.57 41.33
CA ASP A 315 2.24 -6.33 40.93
C ASP A 315 1.20 -5.21 40.85
N PRO A 316 1.30 -4.17 41.71
CA PRO A 316 0.29 -3.10 41.71
C PRO A 316 0.12 -2.38 40.36
N ARG A 317 1.20 -2.25 39.59
CA ARG A 317 1.14 -1.62 38.27
C ARG A 317 0.22 -2.42 37.33
N ILE A 318 0.36 -3.75 37.33
CA ILE A 318 -0.51 -4.61 36.53
C ILE A 318 -1.97 -4.48 37.01
N ALA A 319 -2.19 -4.49 38.33
CA ALA A 319 -3.56 -4.36 38.87
C ALA A 319 -4.22 -3.06 38.41
N ALA A 320 -3.48 -1.95 38.41
CA ALA A 320 -3.98 -0.66 37.89
C ALA A 320 -4.34 -0.74 36.40
N THR A 321 -3.51 -1.41 35.61
CA THR A 321 -3.76 -1.51 34.17
C THR A 321 -5.08 -2.19 33.88
N MET A 322 -5.35 -3.31 34.55
CA MET A 322 -6.63 -4.00 34.38
C MET A 322 -7.80 -3.21 34.99
N GLU A 323 -7.54 -2.52 36.10
CA GLU A 323 -8.53 -1.61 36.71
C GLU A 323 -9.03 -0.55 35.73
N ASN A 324 -8.12 0.26 35.19
CA ASN A 324 -8.47 1.29 34.21
C ASN A 324 -9.05 0.66 32.94
N ALA A 325 -8.53 -0.50 32.55
CA ALA A 325 -9.03 -1.17 31.37
C ALA A 325 -10.50 -1.56 31.52
N GLN A 326 -10.89 -2.00 32.71
CA GLN A 326 -12.29 -2.36 32.98
C GLN A 326 -13.17 -1.13 33.15
N LYS A 327 -12.63 -0.10 33.78
CA LYS A 327 -13.32 1.22 33.84
C LYS A 327 -13.42 1.94 32.49
N GLY A 328 -12.74 1.44 31.46
CA GLY A 328 -12.71 2.09 30.16
C GLY A 328 -13.47 1.34 29.10
N GLU A 329 -13.26 1.76 27.86
CA GLU A 329 -14.03 1.31 26.72
C GLU A 329 -13.11 0.56 25.77
N ILE A 330 -13.59 -0.55 25.23
CA ILE A 330 -12.82 -1.36 24.30
C ILE A 330 -12.78 -0.61 22.99
N MET A 331 -11.61 -0.52 22.37
CA MET A 331 -11.47 0.32 21.19
C MET A 331 -12.16 -0.31 19.98
N PRO A 332 -13.08 0.42 19.35
CA PRO A 332 -13.78 -0.08 18.18
C PRO A 332 -12.83 -0.67 17.14
N ASN A 333 -13.27 -1.77 16.54
CA ASN A 333 -12.45 -2.54 15.61
C ASN A 333 -12.80 -2.24 14.14
N ILE A 334 -13.50 -1.13 13.92
CA ILE A 334 -13.99 -0.75 12.59
C ILE A 334 -12.99 0.25 11.98
N PRO A 335 -12.84 0.28 10.65
CA PRO A 335 -11.84 1.19 10.06
C PRO A 335 -12.22 2.69 10.15
N GLN A 336 -13.51 2.99 10.25
CA GLN A 336 -14.00 4.37 10.37
C GLN A 336 -13.52 5.10 11.63
N MET A 337 -12.91 4.39 12.58
CA MET A 337 -12.21 5.02 13.70
C MET A 337 -11.12 6.00 13.25
N SER A 338 -10.55 5.81 12.06
CA SER A 338 -9.60 6.78 11.54
C SER A 338 -10.23 8.16 11.39
N ALA A 339 -11.46 8.21 10.85
CA ALA A 339 -12.21 9.47 10.78
C ALA A 339 -12.35 10.10 12.15
N PHE A 340 -12.83 9.31 13.13
CA PHE A 340 -12.96 9.75 14.52
C PHE A 340 -11.65 10.37 15.02
N TRP A 341 -10.55 9.68 14.78
CA TRP A 341 -9.25 10.12 15.28
C TRP A 341 -8.79 11.46 14.65
N TYR A 342 -8.91 11.61 13.34
CA TYR A 342 -8.50 12.88 12.69
C TYR A 342 -9.37 14.08 13.20
N ALA A 343 -10.70 13.90 13.23
CA ALA A 343 -11.58 15.00 13.67
C ALA A 343 -11.33 15.40 15.13
N VAL A 344 -11.22 14.42 16.02
CA VAL A 344 -10.96 14.72 17.44
C VAL A 344 -9.55 15.28 17.63
N ARG A 345 -8.55 14.79 16.89
CA ARG A 345 -7.19 15.34 17.00
C ARG A 345 -7.27 16.84 16.72
N THR A 346 -7.90 17.22 15.61
CA THR A 346 -8.07 18.64 15.28
C THR A 346 -8.85 19.40 16.35
N ALA A 347 -9.94 18.83 16.88
CA ALA A 347 -10.73 19.52 17.90
C ALA A 347 -9.90 19.87 19.13
N VAL A 348 -9.16 18.89 19.67
CA VAL A 348 -8.34 19.15 20.85
C VAL A 348 -7.26 20.19 20.52
N ILE A 349 -6.61 20.07 19.36
CA ILE A 349 -5.52 20.99 19.02
C ILE A 349 -6.05 22.42 18.93
N ASN A 350 -7.12 22.59 18.18
CA ASN A 350 -7.74 23.91 18.02
C ASN A 350 -8.24 24.46 19.35
N ALA A 351 -8.89 23.61 20.15
CA ALA A 351 -9.41 24.07 21.44
C ALA A 351 -8.32 24.33 22.50
N ALA A 352 -7.12 23.79 22.31
CA ALA A 352 -5.97 24.10 23.16
C ALA A 352 -5.33 25.42 22.77
N SER A 353 -5.27 25.69 21.46
CA SER A 353 -4.68 26.90 20.92
C SER A 353 -5.65 28.10 20.81
N GLY A 354 -6.85 27.97 21.38
CA GLY A 354 -7.88 29.00 21.23
C GLY A 354 -8.36 29.30 19.81
N ARG A 355 -8.02 28.42 18.86
CA ARG A 355 -8.44 28.57 17.46
C ARG A 355 -9.93 28.26 17.29
N GLN A 356 -10.51 27.54 18.25
CA GLN A 356 -11.96 27.38 18.35
C GLN A 356 -12.37 27.28 19.81
N THR A 357 -13.61 27.65 20.08
CA THR A 357 -14.20 27.40 21.40
C THR A 357 -14.25 25.85 21.61
N VAL A 358 -14.29 25.39 22.86
CA VAL A 358 -14.49 23.95 23.10
C VAL A 358 -15.77 23.51 22.39
N ASP A 359 -16.84 24.25 22.61
CA ASP A 359 -18.13 23.95 21.99
C ASP A 359 -18.07 24.03 20.46
N ALA A 360 -17.32 24.99 19.92
CA ALA A 360 -17.10 25.07 18.47
C ALA A 360 -16.31 23.85 17.93
N ALA A 361 -15.18 23.52 18.56
CA ALA A 361 -14.32 22.44 18.05
C ALA A 361 -15.00 21.06 18.09
N LEU A 362 -15.71 20.74 19.18
CA LEU A 362 -16.43 19.47 19.28
C LEU A 362 -17.63 19.37 18.30
N ALA A 363 -18.32 20.49 18.02
CA ALA A 363 -19.43 20.49 17.06
C ALA A 363 -18.94 20.21 15.64
N ALA A 364 -17.83 20.84 15.27
CA ALA A 364 -17.25 20.61 13.96
C ALA A 364 -16.67 19.19 13.82
N ALA A 365 -16.10 18.64 14.90
CA ALA A 365 -15.53 17.28 14.82
C ALA A 365 -16.63 16.24 14.72
N GLN A 366 -17.69 16.39 15.51
CA GLN A 366 -18.87 15.54 15.38
C GLN A 366 -19.36 15.50 13.93
N THR A 367 -19.56 16.69 13.35
CA THR A 367 -20.02 16.82 11.97
C THR A 367 -19.06 16.12 11.00
N ASN A 368 -17.76 16.43 11.08
CA ASN A 368 -16.80 15.93 10.08
C ASN A 368 -16.56 14.43 10.18
N ALA A 369 -16.44 13.93 11.41
CA ALA A 369 -16.19 12.51 11.63
C ALA A 369 -17.31 11.66 11.06
N ALA A 370 -18.55 12.04 11.35
CA ALA A 370 -19.70 11.31 10.81
C ALA A 370 -19.74 11.40 9.28
N ARG A 371 -19.39 12.57 8.76
CA ARG A 371 -19.34 12.82 7.31
C ARG A 371 -18.35 11.88 6.63
N ALA A 372 -17.16 11.77 7.19
CA ALA A 372 -16.11 10.91 6.64
C ALA A 372 -16.39 9.42 6.80
N ALA A 373 -17.04 9.02 7.91
CA ALA A 373 -17.49 7.64 8.08
C ALA A 373 -18.49 7.26 7.00
N ALA A 374 -19.44 8.14 6.75
CA ALA A 374 -20.42 7.98 5.66
C ALA A 374 -19.77 7.84 4.28
N MET A 375 -18.85 8.75 3.97
CA MET A 375 -18.19 8.72 2.66
C MET A 375 -17.37 7.44 2.50
N SER A 376 -16.70 7.00 3.56
CA SER A 376 -15.85 5.81 3.49
C SER A 376 -16.62 4.52 3.20
N VAL A 377 -17.79 4.35 3.82
CA VAL A 377 -18.68 3.23 3.48
C VAL A 377 -19.20 3.36 2.05
N ALA A 378 -19.57 4.56 1.64
CA ALA A 378 -19.98 4.80 0.26
C ALA A 378 -18.82 4.44 -0.71
N LEU A 379 -17.60 4.86 -0.38
CA LEU A 379 -16.43 4.52 -1.20
C LEU A 379 -16.17 3.00 -1.29
N ALA A 380 -16.38 2.24 -0.22
CA ALA A 380 -16.19 0.78 -0.28
C ALA A 380 -17.14 0.15 -1.31
N SER A 381 -18.42 0.52 -1.30
CA SER A 381 -19.38 -0.03 -2.28
C SER A 381 -19.06 0.42 -3.71
N GLU A 382 -18.63 1.68 -3.90
CA GLU A 382 -18.20 2.14 -5.24
C GLU A 382 -16.99 1.32 -5.73
N TYR A 383 -16.05 1.02 -4.82
CA TYR A 383 -14.88 0.18 -5.17
C TYR A 383 -15.29 -1.22 -5.64
N GLN A 384 -16.29 -1.83 -5.01
CA GLN A 384 -16.73 -3.17 -5.43
C GLN A 384 -17.25 -3.10 -6.88
N LEU A 385 -17.95 -2.03 -7.25
CA LEU A 385 -18.37 -1.84 -8.64
C LEU A 385 -17.17 -1.64 -9.60
N VAL A 386 -16.11 -0.99 -9.15
CA VAL A 386 -14.87 -0.88 -9.95
C VAL A 386 -14.31 -2.27 -10.24
N GLN A 387 -14.09 -3.05 -9.19
CA GLN A 387 -13.52 -4.40 -9.34
C GLN A 387 -14.36 -5.31 -10.26
N ASN A 388 -15.68 -5.19 -10.20
CA ASN A 388 -16.59 -6.05 -10.96
C ASN A 388 -17.04 -5.44 -12.28
N ALA A 389 -16.44 -4.31 -12.68
CA ALA A 389 -16.86 -3.64 -13.91
C ALA A 389 -16.49 -4.49 -15.11
N GLN A 390 -17.32 -4.39 -16.13
CA GLN A 390 -17.19 -5.19 -17.32
C GLN A 390 -16.88 -4.30 -18.51
N LEU A 391 -16.09 -4.80 -19.44
CA LEU A 391 -15.83 -4.06 -20.66
C LEU A 391 -17.11 -3.88 -21.46
N PRO A 392 -17.18 -2.78 -22.23
CA PRO A 392 -18.29 -2.60 -23.17
C PRO A 392 -18.45 -3.85 -24.02
N GLN A 393 -19.64 -4.45 -23.97
CA GLN A 393 -19.84 -5.76 -24.60
C GLN A 393 -19.73 -5.68 -26.12
N ARG A 394 -18.67 -6.27 -26.66
CA ARG A 394 -18.55 -6.49 -28.10
C ARG A 394 -18.48 -7.98 -28.47
N TRP A 395 -18.56 -8.87 -27.47
CA TRP A 395 -18.57 -10.31 -27.71
C TRP A 395 -19.97 -10.77 -28.07
N SER A 396 -20.03 -11.68 -29.04
CA SER A 396 -21.22 -12.46 -29.34
C SER A 396 -20.74 -13.67 -30.12
N GLN A 397 -21.60 -14.68 -30.24
CA GLN A 397 -21.22 -15.89 -30.96
C GLN A 397 -21.06 -15.57 -32.46
N SER A 398 -21.92 -14.69 -32.99
CA SER A 398 -21.81 -14.21 -34.38
C SER A 398 -20.56 -13.39 -34.62
N ALA A 399 -20.23 -12.50 -33.69
CA ALA A 399 -19.01 -11.70 -33.75
C ALA A 399 -17.77 -12.60 -33.65
N ARG A 400 -17.80 -13.53 -32.71
CA ARG A 400 -16.71 -14.49 -32.55
C ARG A 400 -16.45 -15.25 -33.85
N LYS A 401 -17.51 -15.78 -34.47
CA LYS A 401 -17.36 -16.54 -35.73
C LYS A 401 -16.80 -15.67 -36.85
N SER A 402 -17.39 -14.49 -37.06
CA SER A 402 -16.90 -13.58 -38.12
C SER A 402 -15.46 -13.08 -37.83
N LEU A 403 -15.13 -12.79 -36.58
CA LEU A 403 -13.73 -12.46 -36.22
C LEU A 403 -12.80 -13.66 -36.47
N ALA A 404 -13.23 -14.89 -36.14
CA ALA A 404 -12.40 -16.07 -36.40
C ALA A 404 -12.09 -16.25 -37.89
N ILE A 405 -13.05 -15.95 -38.77
CA ILE A 405 -12.79 -16.01 -40.22
C ILE A 405 -11.71 -14.96 -40.59
N LEU A 406 -11.88 -13.73 -40.11
CA LEU A 406 -10.88 -12.69 -40.39
C LEU A 406 -9.48 -13.07 -39.86
N GLU A 407 -9.40 -13.66 -38.67
CA GLU A 407 -8.11 -14.06 -38.10
C GLU A 407 -7.48 -15.19 -38.91
N ALA A 408 -8.25 -16.23 -39.21
CA ALA A 408 -7.74 -17.37 -39.99
C ALA A 408 -7.27 -16.98 -41.39
N THR A 409 -7.95 -15.98 -41.98
CA THR A 409 -7.57 -15.42 -43.27
C THR A 409 -6.25 -14.67 -43.19
N ALA A 410 -6.10 -13.86 -42.15
CA ALA A 410 -4.87 -13.11 -41.95
C ALA A 410 -3.68 -14.05 -41.67
N ARG A 411 -3.95 -15.17 -41.02
CA ARG A 411 -2.93 -16.21 -40.82
C ARG A 411 -2.45 -16.79 -42.17
N LYS A 412 -3.36 -17.02 -43.11
CA LYS A 412 -2.99 -17.48 -44.47
C LYS A 412 -2.20 -16.38 -45.22
N GLU A 413 -2.70 -15.14 -45.18
CA GLU A 413 -1.99 -14.01 -45.81
C GLU A 413 -0.57 -13.89 -45.23
N ALA A 414 -0.46 -13.94 -43.91
CA ALA A 414 0.86 -13.86 -43.25
C ALA A 414 1.76 -15.04 -43.63
N THR A 415 1.21 -16.25 -43.72
CA THR A 415 2.01 -17.41 -44.12
C THR A 415 2.58 -17.25 -45.56
N ALA A 416 1.75 -16.83 -46.51
CA ALA A 416 2.22 -16.61 -47.90
C ALA A 416 3.27 -15.48 -47.98
N GLN A 417 3.07 -14.41 -47.21
CA GLN A 417 4.07 -13.34 -47.08
C GLN A 417 5.42 -13.87 -46.56
N MET A 418 5.39 -14.81 -45.59
CA MET A 418 6.61 -15.46 -45.06
C MET A 418 7.28 -16.38 -46.10
N GLU A 419 6.49 -17.15 -46.87
CA GLU A 419 7.06 -17.98 -47.95
C GLU A 419 7.79 -17.07 -48.94
N ALA A 420 7.10 -16.02 -49.40
CA ALA A 420 7.67 -15.07 -50.35
C ALA A 420 8.94 -14.38 -49.84
N ALA A 421 8.94 -13.91 -48.60
CA ALA A 421 10.10 -13.21 -48.03
C ALA A 421 11.22 -14.17 -47.62
N GLY A 422 10.91 -15.44 -47.48
CA GLY A 422 11.91 -16.42 -47.05
C GLY A 422 12.00 -16.68 -45.54
N GLY A 423 11.40 -15.82 -44.72
CA GLY A 423 11.32 -16.07 -43.29
C GLY A 423 10.35 -15.11 -42.63
N SER A 424 10.26 -15.17 -41.30
CA SER A 424 9.53 -14.15 -40.57
C SER A 424 10.52 -13.10 -40.10
N PHE A 425 10.05 -11.85 -40.07
CA PHE A 425 10.87 -10.67 -39.80
C PHE A 425 10.13 -9.68 -38.91
N CYS A 426 10.85 -9.13 -37.94
CA CYS A 426 10.38 -8.01 -37.13
C CYS A 426 11.28 -6.84 -37.47
N GLY A 427 10.73 -5.90 -38.25
CA GLY A 427 11.55 -4.89 -38.89
C GLY A 427 12.45 -5.63 -39.86
N GLN A 428 13.76 -5.46 -39.69
CA GLN A 428 14.78 -6.21 -40.44
C GLN A 428 15.27 -7.47 -39.73
N PHE A 429 14.88 -7.68 -38.46
CA PHE A 429 15.41 -8.75 -37.63
C PHE A 429 14.75 -10.10 -37.96
N PRO A 430 15.55 -11.13 -38.28
CA PRO A 430 14.98 -12.46 -38.53
C PRO A 430 14.41 -13.10 -37.27
N VAL A 431 13.13 -13.45 -37.35
CA VAL A 431 12.45 -14.12 -36.26
C VAL A 431 12.28 -15.60 -36.56
N ASP A 432 12.80 -16.41 -35.63
CA ASP A 432 12.73 -17.86 -35.67
C ASP A 432 12.61 -18.33 -34.21
N PRO A 433 11.40 -18.76 -33.79
CA PRO A 433 11.20 -19.17 -32.40
C PRO A 433 11.85 -20.51 -32.00
N ALA A 434 12.51 -21.20 -32.93
CA ALA A 434 13.34 -22.34 -32.57
C ALA A 434 14.58 -21.93 -31.79
N PHE A 435 14.99 -20.67 -31.93
CA PHE A 435 16.19 -20.15 -31.28
C PHE A 435 15.86 -19.10 -30.26
N LYS A 436 16.61 -19.10 -29.18
CA LYS A 436 16.55 -18.09 -28.14
C LYS A 436 17.71 -17.14 -28.36
N VAL A 437 17.41 -15.85 -28.46
CA VAL A 437 18.39 -14.81 -28.84
C VAL A 437 19.10 -14.29 -27.58
N LEU A 438 20.35 -14.73 -27.36
CA LEU A 438 21.12 -14.33 -26.16
C LEU A 438 21.90 -13.04 -26.36
N SER A 439 22.36 -12.81 -27.57
CA SER A 439 22.97 -11.55 -27.96
C SER A 439 22.58 -11.22 -29.38
N LEU A 440 22.59 -9.93 -29.71
CA LEU A 440 22.10 -9.46 -31.01
C LEU A 440 22.71 -8.12 -31.35
N GLU A 441 22.78 -7.85 -32.65
CA GLU A 441 23.42 -6.68 -33.21
C GLU A 441 22.40 -5.68 -33.72
N TYR A 442 22.71 -4.40 -33.50
CA TYR A 442 21.95 -3.26 -34.04
C TYR A 442 22.88 -2.38 -34.92
N SER A 443 22.34 -1.94 -36.05
CA SER A 443 23.01 -0.98 -36.94
C SER A 443 22.32 0.37 -36.84
N ALA A 444 23.12 1.43 -36.88
CA ALA A 444 22.63 2.79 -36.86
C ALA A 444 23.06 3.41 -38.18
N PRO A 445 22.41 3.01 -39.27
CA PRO A 445 22.85 3.51 -40.58
C PRO A 445 22.70 5.02 -40.73
N ASN A 446 21.65 5.57 -40.13
CA ASN A 446 21.32 6.98 -40.19
C ASN A 446 20.97 7.54 -38.79
N PRO A 447 20.51 8.80 -38.74
CA PRO A 447 20.07 9.42 -37.48
C PRO A 447 18.71 8.96 -36.88
N ASP A 448 18.00 8.03 -37.52
CA ASP A 448 16.78 7.42 -36.96
C ASP A 448 17.23 6.40 -35.89
N ILE A 449 16.29 5.72 -35.24
CA ILE A 449 16.65 4.76 -34.18
C ILE A 449 17.53 3.64 -34.71
N ALA A 450 18.45 3.13 -33.89
CA ALA A 450 19.23 1.95 -34.27
C ALA A 450 18.29 0.76 -34.45
N ARG A 451 18.65 -0.12 -35.38
CA ARG A 451 17.75 -1.15 -35.89
C ARG A 451 18.30 -2.52 -35.60
N ALA A 452 17.45 -3.41 -35.12
CA ALA A 452 17.87 -4.77 -34.80
C ALA A 452 18.06 -5.52 -36.11
N ILE A 453 19.31 -5.92 -36.40
CA ILE A 453 19.62 -6.58 -37.67
C ILE A 453 19.99 -8.07 -37.58
N ARG A 454 20.69 -8.48 -36.52
CA ARG A 454 21.28 -9.80 -36.51
C ARG A 454 21.29 -10.45 -35.15
N ARG A 455 20.90 -11.72 -35.12
CA ARG A 455 21.07 -12.56 -33.96
C ARG A 455 22.48 -13.12 -33.97
N VAL A 456 23.21 -12.95 -32.87
CA VAL A 456 24.61 -13.35 -32.75
C VAL A 456 24.72 -14.70 -32.01
N ASP A 457 24.55 -14.67 -30.68
CA ASP A 457 24.56 -15.88 -29.86
C ASP A 457 23.12 -16.35 -29.64
N SER A 458 22.96 -17.67 -29.62
CA SER A 458 21.68 -18.27 -29.31
C SER A 458 21.85 -19.63 -28.66
N VAL A 459 20.73 -20.15 -28.18
CA VAL A 459 20.59 -21.55 -27.84
C VAL A 459 19.23 -21.99 -28.34
N PRO A 460 19.00 -23.30 -28.46
CA PRO A 460 17.65 -23.79 -28.74
C PRO A 460 16.66 -23.21 -27.76
N ASN A 461 15.50 -22.83 -28.28
CA ASN A 461 14.53 -22.10 -27.49
C ASN A 461 13.84 -23.05 -26.52
N PRO A 462 13.95 -22.80 -25.21
CA PRO A 462 13.31 -23.69 -24.26
C PRO A 462 11.81 -23.75 -24.46
N PRO A 463 11.19 -24.90 -24.15
CA PRO A 463 9.76 -25.01 -24.32
C PRO A 463 8.98 -24.16 -23.30
N LEU A 464 7.70 -23.96 -23.57
CA LEU A 464 6.83 -23.26 -22.64
C LEU A 464 6.71 -24.09 -21.38
N PRO A 465 6.69 -23.44 -20.20
CA PRO A 465 6.43 -24.18 -18.96
C PRO A 465 5.02 -24.75 -18.97
N SER A 466 4.78 -25.84 -18.26
CA SER A 466 3.50 -26.57 -18.40
C SER A 466 2.22 -25.76 -18.07
N HIS A 467 2.32 -24.77 -17.18
CA HIS A 467 1.17 -23.88 -16.83
C HIS A 467 0.76 -22.82 -17.88
N VAL A 468 1.50 -22.72 -18.97
CA VAL A 468 1.26 -21.73 -20.02
C VAL A 468 1.03 -22.46 -21.33
N VAL A 469 -0.05 -22.13 -22.03
CA VAL A 469 -0.47 -22.84 -23.24
C VAL A 469 -0.67 -21.84 -24.37
N ALA A 470 -0.15 -22.16 -25.55
CA ALA A 470 -0.44 -21.38 -26.73
C ALA A 470 -1.82 -21.76 -27.26
N ILE A 471 -2.64 -20.75 -27.53
CA ILE A 471 -3.99 -20.97 -28.02
C ILE A 471 -3.90 -21.24 -29.51
N GLN A 472 -4.36 -22.41 -29.95
CA GLN A 472 -4.27 -22.79 -31.36
C GLN A 472 -5.50 -22.34 -32.16
N SER A 473 -6.68 -22.53 -31.60
CA SER A 473 -7.95 -22.22 -32.26
C SER A 473 -8.13 -20.72 -32.54
N THR A 474 -8.53 -20.39 -33.76
CA THR A 474 -8.87 -19.00 -34.11
C THR A 474 -10.17 -18.56 -33.43
N ALA A 475 -11.09 -19.50 -33.23
CA ALA A 475 -12.32 -19.24 -32.48
C ALA A 475 -12.06 -18.81 -31.04
N VAL A 476 -11.12 -19.48 -30.37
CA VAL A 476 -10.75 -19.11 -29.00
C VAL A 476 -10.05 -17.77 -28.98
N ASP A 477 -9.15 -17.56 -29.93
CA ASP A 477 -8.47 -16.27 -30.11
C ASP A 477 -9.51 -15.13 -30.22
N ALA A 478 -10.64 -15.42 -30.85
CA ALA A 478 -11.67 -14.43 -31.09
C ALA A 478 -12.49 -14.18 -29.85
N ASP A 479 -12.99 -15.26 -29.23
CA ASP A 479 -13.63 -15.19 -27.91
C ASP A 479 -12.91 -14.20 -27.00
N LEU A 480 -11.61 -14.45 -26.78
CA LEU A 480 -10.86 -13.67 -25.81
C LEU A 480 -10.59 -12.27 -26.32
N SER A 481 -10.35 -12.13 -27.61
CA SER A 481 -10.11 -10.82 -28.20
C SER A 481 -11.30 -9.88 -28.00
N LEU A 482 -12.51 -10.35 -28.30
CA LEU A 482 -13.72 -9.55 -28.10
C LEU A 482 -14.03 -9.29 -26.61
N ALA A 483 -13.95 -10.31 -25.76
CA ALA A 483 -14.30 -10.18 -24.33
C ALA A 483 -13.28 -9.40 -23.48
N MET A 484 -11.99 -9.48 -23.82
CA MET A 484 -10.90 -8.83 -23.05
C MET A 484 -10.42 -7.49 -23.63
N GLY A 485 -10.96 -7.09 -24.78
CA GLY A 485 -10.56 -5.86 -25.42
C GLY A 485 -9.09 -5.85 -25.81
N VAL A 486 -8.71 -6.87 -26.59
CA VAL A 486 -7.35 -6.98 -27.14
C VAL A 486 -7.49 -7.31 -28.62
N SER A 487 -6.86 -6.51 -29.47
CA SER A 487 -6.84 -6.77 -30.90
C SER A 487 -5.43 -6.59 -31.41
N LEU A 488 -4.67 -7.69 -31.37
CA LEU A 488 -3.31 -7.68 -31.86
C LEU A 488 -3.31 -7.75 -33.38
N THR A 489 -2.13 -7.54 -33.94
CA THR A 489 -1.96 -7.50 -35.39
C THR A 489 -2.51 -8.78 -35.98
N PRO A 490 -3.60 -8.68 -36.77
CA PRO A 490 -4.30 -9.85 -37.29
C PRO A 490 -3.40 -10.82 -38.06
N GLY A 491 -3.37 -12.07 -37.61
CA GLY A 491 -2.63 -13.13 -38.30
C GLY A 491 -1.18 -13.27 -37.87
N ARG A 492 -0.69 -12.35 -37.03
CA ARG A 492 0.74 -12.25 -36.70
C ARG A 492 0.97 -12.11 -35.18
N HIS A 493 0.14 -12.77 -34.39
CA HIS A 493 0.30 -12.81 -32.93
C HIS A 493 0.06 -14.20 -32.35
N THR A 494 0.46 -14.35 -31.10
CA THR A 494 0.21 -15.57 -30.34
C THR A 494 -0.45 -15.21 -29.02
N SER A 495 -1.60 -15.82 -28.77
CA SER A 495 -2.31 -15.66 -27.50
C SER A 495 -1.99 -16.87 -26.63
N TYR A 496 -1.83 -16.63 -25.33
CA TYR A 496 -1.56 -17.70 -24.36
C TYR A 496 -2.57 -17.67 -23.22
N LEU A 497 -2.76 -18.84 -22.61
CA LEU A 497 -3.59 -19.01 -21.43
C LEU A 497 -2.72 -19.57 -20.31
N VAL A 498 -2.73 -18.89 -19.16
CA VAL A 498 -1.93 -19.29 -17.99
C VAL A 498 -2.84 -19.62 -16.82
N ASP A 499 -2.72 -20.83 -16.27
CA ASP A 499 -3.44 -21.13 -15.03
C ASP A 499 -3.00 -20.15 -13.94
N ALA A 500 -3.96 -19.65 -13.18
CA ALA A 500 -3.73 -18.58 -12.20
C ALA A 500 -3.07 -19.07 -10.91
N ARG A 501 -3.40 -20.29 -10.46
CA ARG A 501 -2.76 -20.85 -9.25
C ARG A 501 -1.25 -20.99 -9.48
N ALA A 502 -0.89 -21.59 -10.61
CA ALA A 502 0.52 -21.79 -10.98
C ALA A 502 1.25 -20.49 -11.24
N LEU A 503 0.53 -19.50 -11.73
CA LEU A 503 1.09 -18.16 -11.92
C LEU A 503 1.53 -17.57 -10.58
N GLN A 504 0.66 -17.63 -9.57
CA GLN A 504 1.00 -17.17 -8.20
C GLN A 504 2.15 -18.02 -7.62
N GLN A 505 2.09 -19.35 -7.78
CA GLN A 505 3.20 -20.21 -7.28
C GLN A 505 4.52 -19.69 -7.87
N SER A 506 4.56 -19.55 -9.19
CA SER A 506 5.80 -19.15 -9.88
C SER A 506 6.26 -17.72 -9.55
N ASN A 507 5.33 -16.79 -9.33
CA ASN A 507 5.69 -15.42 -8.88
C ASN A 507 6.48 -15.50 -7.58
N SER A 508 6.00 -16.31 -6.64
CA SER A 508 6.70 -16.52 -5.38
C SER A 508 8.05 -17.20 -5.59
N ALA A 509 8.07 -18.25 -6.42
CA ALA A 509 9.35 -18.92 -6.73
C ALA A 509 10.39 -17.93 -7.28
N ALA A 510 9.95 -16.98 -8.09
CA ALA A 510 10.85 -15.97 -8.64
C ALA A 510 11.35 -14.95 -7.61
N VAL A 511 10.48 -14.51 -6.71
CA VAL A 511 10.92 -13.60 -5.65
C VAL A 511 11.93 -14.32 -4.75
N ALA A 512 11.67 -15.59 -4.45
CA ALA A 512 12.59 -16.42 -3.68
C ALA A 512 13.98 -16.46 -4.29
N ALA A 513 14.06 -16.73 -5.60
CA ALA A 513 15.33 -16.83 -6.28
C ALA A 513 16.11 -15.52 -6.21
N ARG A 514 15.40 -14.40 -6.35
CA ARG A 514 16.03 -13.08 -6.27
C ARG A 514 16.61 -12.82 -4.88
N LYS A 515 15.80 -13.06 -3.85
CA LYS A 515 16.28 -12.99 -2.45
C LYS A 515 17.51 -13.87 -2.28
N ALA A 516 17.35 -15.15 -2.61
CA ALA A 516 18.43 -16.16 -2.50
C ALA A 516 19.74 -15.78 -3.19
N ASP A 517 19.66 -14.99 -4.25
CA ASP A 517 20.84 -14.55 -5.00
C ASP A 517 21.57 -13.35 -4.38
N GLY A 518 20.99 -12.75 -3.33
CA GLY A 518 21.49 -11.51 -2.76
C GLY A 518 20.81 -10.26 -3.31
N ASP A 519 19.51 -10.33 -3.55
CA ASP A 519 18.76 -9.25 -4.19
C ASP A 519 19.44 -8.73 -5.49
N LYS A 520 19.86 -9.68 -6.32
CA LYS A 520 20.39 -9.39 -7.65
C LYS A 520 20.13 -10.55 -8.62
N TRP A 521 20.59 -10.39 -9.84
CA TRP A 521 20.65 -11.49 -10.79
C TRP A 521 21.84 -12.38 -10.47
N GLY A 522 21.54 -13.53 -9.90
CA GLY A 522 22.55 -14.54 -9.63
C GLY A 522 22.08 -15.89 -10.11
N PRO A 523 22.67 -16.96 -9.55
CA PRO A 523 22.44 -18.29 -10.13
C PRO A 523 20.98 -18.74 -10.14
N ALA A 524 20.25 -18.58 -9.04
CA ALA A 524 18.85 -18.99 -8.99
C ALA A 524 17.98 -18.25 -9.99
N CYS A 525 18.17 -16.93 -10.12
CA CYS A 525 17.49 -16.15 -11.16
C CYS A 525 17.93 -16.63 -12.54
N ASP A 526 19.24 -16.85 -12.73
CA ASP A 526 19.72 -17.42 -13.99
C ASP A 526 19.10 -18.80 -14.29
N GLU A 527 18.88 -19.62 -13.26
CA GLU A 527 18.25 -20.93 -13.47
C GLU A 527 16.82 -20.78 -14.00
N MET A 528 16.03 -19.87 -13.42
CA MET A 528 14.67 -19.66 -13.96
C MET A 528 14.75 -19.14 -15.39
N PHE A 529 15.64 -18.18 -15.63
CA PHE A 529 15.86 -17.61 -16.98
C PHE A 529 16.17 -18.70 -18.01
N ARG A 530 17.04 -19.66 -17.68
CA ARG A 530 17.40 -20.76 -18.60
C ARG A 530 16.19 -21.57 -19.07
N GLY A 531 15.13 -21.63 -18.26
CA GLY A 531 13.84 -22.19 -18.68
C GLY A 531 12.77 -21.21 -19.13
N CYS A 532 13.14 -19.99 -19.49
CA CYS A 532 12.20 -19.05 -20.08
C CYS A 532 12.33 -19.16 -21.61
N ARG A 533 11.18 -19.10 -22.28
CA ARG A 533 11.09 -19.20 -23.73
C ARG A 533 11.13 -17.82 -24.37
N CYS A 534 11.90 -17.73 -25.44
CA CYS A 534 12.09 -16.49 -26.19
C CYS A 534 10.87 -16.16 -27.03
N VAL A 535 10.42 -14.91 -26.93
CA VAL A 535 9.38 -14.38 -27.81
C VAL A 535 9.85 -13.05 -28.43
N THR A 536 11.17 -12.92 -28.59
CA THR A 536 11.77 -11.81 -29.31
C THR A 536 11.14 -11.70 -30.70
N GLY A 537 10.84 -10.47 -31.12
CA GLY A 537 10.19 -10.24 -32.41
C GLY A 537 8.71 -10.55 -32.47
N GLN A 538 8.16 -11.18 -31.44
CA GLN A 538 6.77 -11.64 -31.46
C GLN A 538 5.87 -10.59 -30.81
N GLU A 539 4.63 -10.61 -31.24
CA GLU A 539 3.55 -9.86 -30.65
C GLU A 539 2.63 -10.88 -29.98
N VAL A 540 2.52 -10.81 -28.66
CA VAL A 540 1.76 -11.81 -27.91
C VAL A 540 0.91 -11.20 -26.80
N VAL A 541 -0.06 -11.97 -26.29
CA VAL A 541 -0.87 -11.63 -25.11
C VAL A 541 -1.03 -12.87 -24.22
N PHE A 542 -0.88 -12.73 -22.90
CA PHE A 542 -1.05 -13.82 -21.94
C PHE A 542 -2.30 -13.51 -21.12
N TYR A 543 -3.31 -14.39 -21.18
CA TYR A 543 -4.52 -14.28 -20.37
C TYR A 543 -4.37 -15.27 -19.23
N THR A 544 -4.66 -14.83 -18.02
CA THR A 544 -4.71 -15.78 -16.90
C THR A 544 -6.13 -16.27 -16.73
N ALA A 545 -6.28 -17.52 -16.26
CA ALA A 545 -7.61 -18.09 -16.01
C ALA A 545 -7.73 -18.50 -14.54
N VAL A 546 -8.81 -18.07 -13.88
CA VAL A 546 -9.06 -18.32 -12.47
C VAL A 546 -10.17 -19.37 -12.39
N LYS A 547 -9.94 -20.52 -11.75
CA LYS A 547 -10.99 -21.55 -11.58
C LYS A 547 -12.02 -21.00 -10.58
N GLU A 548 -13.31 -21.23 -10.81
CA GLU A 548 -14.36 -20.80 -9.86
C GLU A 548 -14.16 -21.61 -8.57
N PRO A 549 -14.07 -20.95 -7.41
CA PRO A 549 -13.95 -21.71 -6.16
C PRO A 549 -15.12 -22.66 -5.93
N ALA A 550 -14.81 -23.96 -5.83
CA ALA A 550 -15.81 -25.02 -5.64
C ALA A 550 -15.16 -26.34 -5.21
N SER A 559 -7.25 -16.52 -5.42
CA SER A 559 -6.75 -15.94 -4.17
C SER A 559 -5.93 -14.67 -4.45
N LEU A 560 -4.92 -14.78 -5.31
CA LEU A 560 -4.16 -13.59 -5.73
C LEU A 560 -5.07 -12.58 -6.46
N PHE A 561 -5.90 -13.09 -7.37
CA PHE A 561 -6.83 -12.27 -8.18
C PHE A 561 -8.27 -12.41 -7.66
N LYS A 562 -9.10 -11.39 -7.87
CA LYS A 562 -10.46 -11.32 -7.30
C LYS A 562 -11.58 -11.16 -8.34
N PRO A 563 -11.77 -12.16 -9.21
CA PRO A 563 -12.88 -12.09 -10.16
C PRO A 563 -14.23 -12.31 -9.46
N SER A 564 -15.26 -11.57 -9.87
CA SER A 564 -16.62 -11.81 -9.40
C SER A 564 -17.22 -12.87 -10.31
N PHE A 565 -17.55 -14.05 -9.75
CA PHE A 565 -18.19 -15.14 -10.50
C PHE A 565 -19.72 -15.02 -10.53
N ASP A 566 -20.24 -13.95 -9.95
CA ASP A 566 -21.66 -13.60 -10.11
C ASP A 566 -21.91 -12.77 -11.36
N GLY A 567 -20.85 -12.23 -11.96
CA GLY A 567 -20.93 -11.47 -13.20
C GLY A 567 -21.54 -12.24 -14.36
N PRO A 568 -21.88 -11.52 -15.43
CA PRO A 568 -22.45 -12.15 -16.63
C PRO A 568 -21.47 -13.07 -17.33
N ALA A 569 -22.00 -14.15 -17.89
CA ALA A 569 -21.20 -15.27 -18.35
C ALA A 569 -21.34 -15.44 -19.85
N PHE A 570 -20.22 -15.68 -20.52
CA PHE A 570 -20.22 -15.95 -21.95
C PHE A 570 -20.01 -17.44 -22.20
N ARG A 571 -20.62 -17.97 -23.25
CA ARG A 571 -20.40 -19.35 -23.66
C ARG A 571 -19.12 -19.46 -24.48
N PRO A 572 -18.03 -19.99 -23.91
CA PRO A 572 -16.81 -20.15 -24.70
C PRO A 572 -16.91 -21.33 -25.65
N SER A 573 -16.13 -21.26 -26.72
CA SER A 573 -16.09 -22.35 -27.70
C SER A 573 -15.21 -23.49 -27.21
N TRP A 574 -14.22 -23.16 -26.37
CA TRP A 574 -13.37 -24.15 -25.74
C TRP A 574 -13.88 -24.48 -24.34
N GLY A 575 -14.21 -25.76 -24.12
CA GLY A 575 -14.77 -26.23 -22.85
C GLY A 575 -13.90 -26.02 -21.63
N GLU A 576 -12.58 -26.03 -21.81
CA GLU A 576 -11.65 -25.84 -20.70
C GLU A 576 -11.73 -24.46 -20.02
N LEU A 577 -12.35 -23.48 -20.68
CA LEU A 577 -12.59 -22.18 -20.05
C LEU A 577 -13.79 -22.17 -19.12
N SER A 578 -14.72 -23.10 -19.34
CA SER A 578 -15.97 -23.12 -18.58
C SER A 578 -15.72 -23.28 -17.09
N GLY A 579 -16.32 -22.39 -16.31
CA GLY A 579 -16.12 -22.35 -14.86
C GLY A 579 -14.89 -21.57 -14.46
N LYS A 580 -14.42 -20.72 -15.36
CA LYS A 580 -13.24 -19.90 -15.11
C LYS A 580 -13.48 -18.47 -15.56
N ALA A 581 -12.72 -17.56 -14.97
CA ALA A 581 -12.70 -16.15 -15.37
C ALA A 581 -11.33 -15.79 -15.94
N THR A 582 -11.30 -15.03 -17.03
CA THR A 582 -10.05 -14.60 -17.67
C THR A 582 -9.78 -13.11 -17.50
N GLY A 583 -8.50 -12.78 -17.41
CA GLY A 583 -8.01 -11.40 -17.37
C GLY A 583 -6.68 -11.28 -18.08
N VAL A 584 -6.34 -10.06 -18.51
CA VAL A 584 -5.13 -9.78 -19.28
C VAL A 584 -3.97 -9.42 -18.36
N VAL A 585 -2.99 -10.31 -18.23
CA VAL A 585 -1.82 -10.03 -17.38
C VAL A 585 -0.61 -9.50 -18.16
N ALA A 586 -0.50 -9.82 -19.44
CA ALA A 586 0.64 -9.30 -20.20
C ALA A 586 0.40 -9.32 -21.69
N CYS A 587 0.96 -8.31 -22.35
CA CYS A 587 0.89 -8.25 -23.78
C CYS A 587 2.19 -7.61 -24.26
N VAL A 588 2.80 -8.20 -25.30
CA VAL A 588 4.00 -7.63 -25.94
C VAL A 588 3.62 -7.17 -27.35
N LEU A 589 3.99 -5.93 -27.66
CA LEU A 589 3.77 -5.33 -28.97
C LEU A 589 5.10 -5.02 -29.63
N GLN A 590 5.09 -5.07 -30.96
CA GLN A 590 6.19 -4.59 -31.80
C GLN A 590 5.68 -3.40 -32.62
N VAL A 591 6.16 -2.21 -32.29
CA VAL A 591 5.67 -0.99 -32.94
C VAL A 591 6.45 -0.79 -34.25
N PRO A 592 5.77 -0.73 -35.41
CA PRO A 592 6.45 -0.44 -36.66
C PRO A 592 7.09 0.96 -36.62
N ILE A 593 8.36 1.11 -36.97
CA ILE A 593 9.00 2.44 -36.85
C ILE A 593 8.32 3.39 -37.85
N GLY A 594 8.07 4.64 -37.46
CA GLY A 594 7.29 5.57 -38.28
C GLY A 594 7.02 6.89 -37.57
N LYS A 595 5.92 7.57 -37.87
CA LYS A 595 5.59 8.86 -37.23
C LYS A 595 5.62 8.74 -35.71
N GLU A 596 5.02 7.69 -35.17
CA GLU A 596 4.81 7.62 -33.72
C GLU A 596 6.11 7.34 -32.99
N THR A 597 6.91 6.43 -33.49
CA THR A 597 8.22 6.19 -32.89
C THR A 597 9.11 7.44 -33.01
N ASP A 598 9.01 8.17 -34.13
CA ASP A 598 9.74 9.44 -34.27
C ASP A 598 9.32 10.46 -33.18
N ILE A 599 8.03 10.56 -32.91
CA ILE A 599 7.52 11.52 -31.92
C ILE A 599 8.01 11.15 -30.52
N ILE A 600 7.86 9.87 -30.17
CA ILE A 600 8.24 9.39 -28.83
C ILE A 600 9.75 9.60 -28.63
N CYS A 601 10.57 9.08 -29.53
CA CYS A 601 12.03 9.20 -29.37
C CYS A 601 12.47 10.67 -29.31
N ALA A 602 11.84 11.54 -30.10
CA ALA A 602 12.15 12.97 -30.05
C ALA A 602 11.83 13.59 -28.68
N GLU A 603 10.72 13.22 -28.07
CA GLU A 603 10.43 13.76 -26.73
C GLU A 603 11.43 13.33 -25.68
N TYR A 604 11.87 12.07 -25.72
CA TYR A 604 12.87 11.58 -24.78
C TYR A 604 14.15 12.40 -24.98
N ASP A 605 14.54 12.59 -26.23
CA ASP A 605 15.71 13.43 -26.51
C ASP A 605 15.53 14.88 -26.01
N ASN A 606 14.35 15.48 -26.25
CA ASN A 606 14.10 16.86 -25.77
C ASN A 606 14.23 16.95 -24.25
N LEU A 607 13.65 16.00 -23.53
CA LEU A 607 13.63 16.06 -22.07
C LEU A 607 15.00 15.77 -21.48
N VAL A 608 15.72 14.84 -22.08
CA VAL A 608 17.08 14.54 -21.63
C VAL A 608 17.96 15.76 -21.88
N SER A 609 17.99 16.23 -23.13
CA SER A 609 18.78 17.41 -23.50
C SER A 609 18.49 18.66 -22.68
N LYS A 610 17.24 18.83 -22.26
CA LYS A 610 16.82 20.01 -21.51
C LYS A 610 16.96 19.84 -20.00
N GLY A 611 17.53 18.73 -19.56
CA GLY A 611 17.84 18.53 -18.15
C GLY A 611 16.63 18.28 -17.27
N GLN A 612 15.55 17.77 -17.88
CA GLN A 612 14.29 17.55 -17.18
C GLN A 612 14.15 16.20 -16.50
N PHE A 613 15.16 15.34 -16.61
CA PHE A 613 15.14 14.07 -15.87
C PHE A 613 15.83 14.21 -14.52
N ALA A 614 15.19 13.63 -13.51
CA ALA A 614 15.70 13.58 -12.15
C ALA A 614 16.36 12.23 -11.90
N THR A 615 17.67 12.23 -11.80
CA THR A 615 18.44 11.00 -11.68
C THR A 615 18.36 10.45 -10.26
N VAL A 616 17.91 9.21 -10.12
CA VAL A 616 17.85 8.54 -8.81
C VAL A 616 18.39 7.11 -8.87
N ASP A 617 18.65 6.56 -7.70
CA ASP A 617 19.02 5.16 -7.52
C ASP A 617 17.79 4.42 -6.98
N ARG A 618 17.59 3.20 -7.46
CA ARG A 618 16.40 2.43 -7.14
C ARG A 618 16.79 1.06 -6.58
N PHE A 619 15.94 0.54 -5.70
CA PHE A 619 16.14 -0.75 -5.05
C PHE A 619 17.54 -0.88 -4.44
N GLY A 620 17.90 0.11 -3.62
CA GLY A 620 19.24 0.18 -3.02
C GLY A 620 20.20 0.85 -3.99
N GLY A 621 21.05 0.05 -4.61
CA GLY A 621 21.85 0.48 -5.77
C GLY A 621 21.74 -0.53 -6.88
N ASP A 622 20.52 -1.03 -7.09
CA ASP A 622 20.28 -2.08 -8.08
C ASP A 622 20.50 -1.54 -9.47
N HIS A 623 19.88 -0.40 -9.76
CA HIS A 623 20.10 0.32 -11.01
C HIS A 623 19.92 1.84 -10.81
N THR A 624 20.28 2.59 -11.85
CA THR A 624 20.09 4.04 -11.91
C THR A 624 18.96 4.35 -12.89
N VAL A 625 17.93 5.03 -12.40
CA VAL A 625 16.79 5.42 -13.22
C VAL A 625 16.76 6.94 -13.32
N ASN A 626 16.23 7.43 -14.43
CA ASN A 626 15.93 8.83 -14.59
C ASN A 626 14.42 8.98 -14.63
N MET A 627 13.92 9.97 -13.91
CA MET A 627 12.49 10.15 -13.74
C MET A 627 12.03 11.50 -14.23
N THR A 628 10.85 11.52 -14.85
CA THR A 628 10.14 12.74 -15.14
C THR A 628 8.65 12.50 -14.91
N GLY A 629 7.84 13.52 -15.22
CA GLY A 629 6.39 13.42 -15.07
C GLY A 629 5.87 14.21 -13.89
N ASN A 630 4.60 13.96 -13.56
CA ASN A 630 3.84 14.69 -12.55
C ASN A 630 3.96 14.08 -11.16
N ALA A 631 5.19 13.94 -10.72
CA ALA A 631 5.51 13.60 -9.35
C ALA A 631 5.17 14.76 -8.41
N LEU A 632 5.03 14.42 -7.14
CA LEU A 632 5.04 15.39 -6.06
C LEU A 632 5.94 14.80 -4.99
N ILE A 633 7.16 15.30 -4.94
CA ILE A 633 8.14 14.81 -4.00
C ILE A 633 7.93 15.57 -2.69
N GLN A 634 7.09 15.03 -1.82
CA GLN A 634 6.86 15.65 -0.51
C GLN A 634 8.16 15.85 0.29
N ASN A 635 9.17 15.00 0.08
CA ASN A 635 10.51 15.17 0.65
C ASN A 635 11.16 16.56 0.38
N ASP A 636 10.78 17.18 -0.73
CA ASP A 636 11.17 18.54 -1.06
C ASP A 636 10.08 19.42 -0.44
N GLY A 637 10.42 20.11 0.64
CA GLY A 637 9.44 20.87 1.43
C GLY A 637 8.76 22.01 0.68
N LYS A 638 9.51 22.65 -0.22
CA LYS A 638 8.96 23.71 -1.08
C LYS A 638 8.11 23.21 -2.25
N ALA A 639 8.10 21.90 -2.46
CA ALA A 639 7.33 21.31 -3.54
C ALA A 639 5.84 21.42 -3.20
N ILE A 640 5.11 22.19 -4.01
CA ILE A 640 3.65 22.41 -3.89
C ILE A 640 2.90 22.27 -5.23
N SER A 641 3.59 21.88 -6.31
CA SER A 641 2.98 21.69 -7.65
C SER A 641 3.46 20.41 -8.33
N LYS A 642 2.77 20.01 -9.38
CA LYS A 642 3.14 18.80 -10.10
C LYS A 642 4.51 18.95 -10.74
N GLY A 643 5.25 17.85 -10.75
CA GLY A 643 6.54 17.77 -11.41
C GLY A 643 7.67 17.57 -10.42
N TYR A 644 8.80 17.05 -10.92
CA TYR A 644 10.04 17.04 -10.16
C TYR A 644 10.57 18.48 -10.03
N ALA A 645 11.62 18.66 -9.23
CA ALA A 645 12.06 20.00 -8.86
C ALA A 645 12.62 20.81 -10.03
N VAL A 646 13.25 20.13 -10.99
CA VAL A 646 13.71 20.80 -12.24
C VAL A 646 12.56 21.35 -13.06
N ALA A 647 11.43 20.65 -13.03
CA ALA A 647 10.24 21.09 -13.72
C ALA A 647 9.78 22.40 -13.11
N HIS A 648 9.54 22.39 -11.80
CA HIS A 648 9.14 23.59 -11.03
C HIS A 648 9.98 24.82 -11.41
N ARG A 649 11.30 24.63 -11.47
CA ARG A 649 12.24 25.70 -11.84
C ARG A 649 12.10 26.13 -13.30
N ALA A 650 11.95 25.17 -14.21
CA ALA A 650 11.83 25.49 -15.64
C ALA A 650 10.62 26.37 -15.96
N ARG A 651 9.50 26.18 -15.28
CA ARG A 651 8.31 27.01 -15.54
C ARG A 651 8.53 28.47 -15.18
N VAL A 652 9.38 28.73 -14.20
CA VAL A 652 9.65 30.07 -13.69
C VAL A 652 10.81 30.74 -14.42
N THR A 653 11.88 29.98 -14.70
CA THR A 653 13.12 30.53 -15.26
C THR A 653 13.15 30.62 -16.78
N SER A 654 12.26 29.92 -17.49
CA SER A 654 12.21 30.01 -18.94
C SER A 654 11.88 31.41 -19.44
N ASN A 655 12.60 31.84 -20.47
CA ASN A 655 12.36 33.11 -21.15
C ASN A 655 11.63 32.96 -22.49
N VAL A 656 11.06 31.80 -22.78
CA VAL A 656 10.31 31.62 -24.04
C VAL A 656 8.87 31.20 -23.77
N TYR A 657 8.68 30.00 -23.25
CA TYR A 657 7.35 29.49 -22.93
C TYR A 657 7.37 28.61 -21.68
N GLY A 658 6.64 29.02 -20.66
CA GLY A 658 6.68 28.35 -19.36
C GLY A 658 6.13 26.93 -19.32
N LYS A 659 5.26 26.58 -20.27
CA LYS A 659 4.62 25.26 -20.28
C LYS A 659 5.26 24.28 -21.25
N ALA A 660 6.38 24.63 -21.86
CA ALA A 660 6.95 23.82 -22.94
C ALA A 660 7.18 22.38 -22.52
N ASN A 661 7.77 22.18 -21.35
CA ASN A 661 8.09 20.82 -20.91
C ASN A 661 6.82 20.03 -20.60
N ASP A 662 5.76 20.71 -20.19
CA ASP A 662 4.49 20.04 -19.94
C ASP A 662 3.83 19.60 -21.26
N VAL A 663 3.98 20.40 -22.30
CA VAL A 663 3.52 20.03 -23.64
C VAL A 663 4.28 18.80 -24.12
N SER A 664 5.60 18.83 -23.90
CA SER A 664 6.48 17.70 -24.25
C SER A 664 6.06 16.43 -23.51
N LEU A 665 5.86 16.51 -22.19
CA LEU A 665 5.42 15.37 -21.36
C LEU A 665 4.04 14.84 -21.77
N GLN A 666 3.09 15.73 -22.06
CA GLN A 666 1.77 15.29 -22.49
C GLN A 666 1.88 14.54 -23.83
N ARG A 667 2.65 15.06 -24.79
CA ARG A 667 2.76 14.38 -26.08
C ARG A 667 3.43 13.02 -25.96
N LEU A 668 4.49 12.94 -25.15
CA LEU A 668 5.17 11.65 -24.93
C LEU A 668 4.18 10.63 -24.37
N ALA A 669 3.50 10.94 -23.26
CA ALA A 669 2.53 10.01 -22.66
C ALA A 669 1.37 9.67 -23.60
N GLU A 670 0.84 10.68 -24.31
CA GLU A 670 -0.30 10.47 -25.23
C GLU A 670 0.05 9.68 -26.51
N THR A 671 1.27 9.84 -27.03
CA THR A 671 1.70 9.11 -28.24
C THR A 671 1.89 7.63 -27.90
N VAL A 672 2.54 7.35 -26.77
CA VAL A 672 2.73 5.99 -26.30
C VAL A 672 1.38 5.38 -25.95
N TRP A 673 0.58 6.13 -25.20
CA TRP A 673 -0.76 5.66 -24.84
C TRP A 673 -1.55 5.29 -26.08
N SER A 674 -1.48 6.14 -27.10
CA SER A 674 -2.26 5.95 -28.32
C SER A 674 -1.84 4.71 -29.12
N VAL A 675 -0.54 4.51 -29.23
CA VAL A 675 0.04 3.31 -29.84
C VAL A 675 -0.50 2.06 -29.18
N VAL A 676 -0.51 2.05 -27.85
CA VAL A 676 -0.97 0.91 -27.07
C VAL A 676 -2.48 0.73 -27.21
N GLU A 677 -3.21 1.83 -27.08
CA GLU A 677 -4.67 1.85 -27.14
C GLU A 677 -5.23 1.20 -28.40
N LYS A 678 -4.54 1.37 -29.52
CA LYS A 678 -4.99 0.82 -30.81
C LYS A 678 -5.08 -0.69 -30.77
N ARG A 679 -4.14 -1.30 -30.05
CA ARG A 679 -4.10 -2.75 -29.89
C ARG A 679 -4.89 -3.20 -28.66
N LEU A 680 -4.90 -2.39 -27.61
CA LEU A 680 -5.51 -2.76 -26.33
C LEU A 680 -6.63 -1.78 -25.96
N SER A 681 -7.85 -2.10 -26.39
CA SER A 681 -9.01 -1.24 -26.17
C SER A 681 -9.49 -1.19 -24.72
N PHE A 682 -8.94 -2.05 -23.86
CA PHE A 682 -9.27 -2.03 -22.45
C PHE A 682 -8.53 -0.95 -21.66
N MET A 683 -7.40 -0.49 -22.17
CA MET A 683 -6.61 0.53 -21.48
C MET A 683 -7.39 1.83 -21.25
N PRO A 684 -7.98 2.44 -22.30
CA PRO A 684 -8.85 3.60 -22.04
C PRO A 684 -9.97 3.32 -21.03
N ALA A 685 -10.59 2.15 -21.14
CA ALA A 685 -11.61 1.73 -20.18
C ALA A 685 -11.09 1.71 -18.73
N TYR A 686 -9.84 1.26 -18.57
CA TYR A 686 -9.19 1.23 -17.26
C TYR A 686 -8.88 2.61 -16.75
N ARG A 687 -8.33 3.46 -17.62
CA ARG A 687 -8.10 4.86 -17.30
C ARG A 687 -9.39 5.51 -16.80
N ASP A 688 -10.45 5.41 -17.60
CA ASP A 688 -11.74 6.01 -17.26
C ASP A 688 -12.32 5.49 -15.95
N LEU A 689 -12.04 4.23 -15.65
CA LEU A 689 -12.57 3.59 -14.45
C LEU A 689 -11.88 4.01 -13.14
N VAL A 690 -10.55 4.17 -13.17
CA VAL A 690 -9.76 4.40 -11.93
C VAL A 690 -9.26 5.83 -11.64
N ILE A 691 -9.24 6.72 -12.63
CA ILE A 691 -8.78 8.10 -12.44
C ILE A 691 -10.01 8.91 -12.00
N THR A 692 -9.90 9.63 -10.88
CA THR A 692 -11.02 10.46 -10.38
C THR A 692 -11.01 11.77 -11.12
N GLU A 693 -12.15 12.49 -11.09
CA GLU A 693 -12.20 13.83 -11.66
C GLU A 693 -11.09 14.70 -11.11
N GLN A 694 -10.83 14.56 -9.81
CA GLN A 694 -9.79 15.34 -9.13
C GLN A 694 -8.39 14.90 -9.51
N GLY A 695 -8.24 13.67 -10.03
CA GLY A 695 -6.95 13.16 -10.44
C GLY A 695 -6.56 13.47 -11.88
N LYS A 696 -7.55 13.64 -12.76
CA LYS A 696 -7.29 13.92 -14.18
C LYS A 696 -6.30 15.05 -14.47
N PRO A 697 -6.41 16.22 -13.79
CA PRO A 697 -5.46 17.29 -14.13
C PRO A 697 -4.00 16.94 -13.86
N PHE A 698 -3.76 15.94 -13.01
CA PHE A 698 -2.39 15.54 -12.64
C PHE A 698 -1.86 14.27 -13.29
N MET A 699 -2.70 13.60 -14.08
CA MET A 699 -2.23 12.64 -15.07
C MET A 699 -1.59 13.37 -16.24
N LEU A 700 -0.74 12.65 -16.98
CA LEU A 700 -0.08 13.22 -18.16
C LEU A 700 -1.01 13.09 -19.34
N GLY A 701 -1.78 14.14 -19.59
CA GLY A 701 -2.73 14.10 -20.67
C GLY A 701 -3.84 13.13 -20.37
N ALA A 702 -4.50 12.67 -21.41
CA ALA A 702 -5.64 11.77 -21.25
C ALA A 702 -5.19 10.29 -21.23
N THR A 703 -4.24 9.99 -20.34
CA THR A 703 -3.70 8.66 -20.17
C THR A 703 -3.84 8.30 -18.70
N ALA A 704 -3.44 7.07 -18.35
CA ALA A 704 -3.32 6.65 -16.97
C ALA A 704 -1.86 6.69 -16.50
N THR A 705 -1.05 7.54 -17.12
CA THR A 705 0.36 7.72 -16.79
C THR A 705 0.59 9.06 -16.09
N ASN A 706 1.26 9.05 -14.93
CA ASN A 706 1.72 10.29 -14.31
C ASN A 706 3.23 10.39 -14.11
N ILE A 707 3.94 9.26 -14.12
CA ILE A 707 5.40 9.23 -13.99
C ILE A 707 5.96 8.44 -15.17
N ILE A 708 7.16 8.84 -15.61
CA ILE A 708 7.85 8.21 -16.74
C ILE A 708 9.31 8.01 -16.37
N SER A 709 9.81 6.77 -16.47
CA SER A 709 11.20 6.48 -16.18
C SER A 709 12.03 6.43 -17.45
N LEU A 710 13.34 6.43 -17.28
CA LEU A 710 14.28 6.23 -18.36
C LEU A 710 15.59 5.61 -17.84
N THR A 711 15.97 4.44 -18.39
CA THR A 711 17.23 3.77 -18.04
C THR A 711 18.15 3.69 -19.25
N GLU A 712 19.44 3.76 -18.99
CA GLU A 712 20.49 3.65 -20.00
C GLU A 712 21.30 2.38 -19.73
N ASN A 713 21.04 1.32 -20.51
CA ASN A 713 21.80 0.06 -20.41
C ASN A 713 21.79 -0.54 -19.02
N GLN A 714 20.65 -0.44 -18.36
CA GLN A 714 20.50 -0.94 -17.01
C GLN A 714 19.75 -2.24 -17.00
N GLY A 715 20.28 -3.19 -16.23
CA GLY A 715 19.49 -4.29 -15.75
C GLY A 715 18.72 -3.89 -14.50
N VAL A 716 17.64 -4.61 -14.23
CA VAL A 716 16.77 -4.40 -13.09
C VAL A 716 16.53 -5.77 -12.45
N MET A 717 16.56 -5.87 -11.12
CA MET A 717 16.36 -7.15 -10.43
C MET A 717 14.90 -7.61 -10.55
N LEU A 718 14.65 -8.91 -10.36
CA LEU A 718 13.28 -9.44 -10.41
C LEU A 718 12.46 -8.85 -9.26
N HIS A 719 11.26 -8.33 -9.55
CA HIS A 719 10.40 -7.72 -8.51
C HIS A 719 8.91 -7.62 -8.88
N LEU A 720 8.04 -7.40 -7.88
CA LEU A 720 6.65 -6.95 -8.09
C LEU A 720 6.62 -5.45 -7.75
N ASP A 721 6.03 -4.62 -8.61
CA ASP A 721 5.78 -3.18 -8.30
C ASP A 721 4.46 -3.16 -7.51
N THR A 722 4.50 -2.66 -6.27
CA THR A 722 3.35 -2.74 -5.35
C THR A 722 2.44 -1.51 -5.41
N ASP A 723 3.05 -0.32 -5.47
CA ASP A 723 2.34 0.96 -5.31
C ASP A 723 2.12 1.73 -6.61
N ASP A 724 2.11 1.03 -7.74
CA ASP A 724 1.78 1.60 -9.04
C ASP A 724 0.38 1.15 -9.43
N GLY A 725 0.01 1.32 -10.69
CA GLY A 725 -1.34 1.01 -11.16
C GLY A 725 -1.57 -0.44 -11.52
N VAL A 726 -2.70 -0.67 -12.18
CA VAL A 726 -3.12 -2.02 -12.54
C VAL A 726 -2.24 -2.55 -13.65
N TRP A 727 -2.08 -1.75 -14.71
CA TRP A 727 -1.32 -2.10 -15.89
C TRP A 727 -0.22 -1.07 -16.07
N THR A 728 0.99 -1.53 -16.37
CA THR A 728 2.14 -0.67 -16.61
C THR A 728 2.62 -0.88 -18.04
N ILE A 729 3.19 0.17 -18.63
CA ILE A 729 3.75 0.11 -19.96
C ILE A 729 5.26 0.26 -19.84
N ILE A 730 6.00 -0.63 -20.51
CA ILE A 730 7.44 -0.42 -20.70
C ILE A 730 7.75 -0.46 -22.18
N LEU A 731 8.62 0.44 -22.61
CA LEU A 731 9.04 0.53 -24.00
C LEU A 731 10.55 0.64 -24.02
N TRP A 732 11.13 0.26 -25.15
CA TRP A 732 12.58 0.34 -25.33
C TRP A 732 12.87 0.87 -26.72
N PHE A 733 13.99 1.58 -26.85
CA PHE A 733 14.51 1.97 -28.15
C PHE A 733 16.02 2.13 -28.09
N HIS A 734 16.63 2.14 -29.26
CA HIS A 734 18.07 2.02 -29.37
C HIS A 734 18.73 3.16 -30.10
N ARG A 735 19.95 3.46 -29.67
CA ARG A 735 20.75 4.51 -30.29
C ARG A 735 22.19 4.05 -30.46
N HIS A 736 22.74 4.29 -31.64
CA HIS A 736 24.10 3.85 -32.04
C HIS A 736 24.13 2.38 -32.37
N SER A 737 25.15 1.99 -33.13
CA SER A 737 25.31 0.60 -33.48
C SER A 737 26.14 -0.14 -32.44
N GLY A 738 25.96 -1.46 -32.43
CA GLY A 738 26.75 -2.32 -31.57
C GLY A 738 26.08 -3.66 -31.34
N ILE A 739 26.55 -4.36 -30.33
CA ILE A 739 26.03 -5.67 -29.98
C ILE A 739 25.67 -5.67 -28.52
N ILE A 740 24.48 -6.19 -28.23
CA ILE A 740 24.00 -6.34 -26.86
C ILE A 740 23.89 -7.82 -26.52
N ALA A 741 24.57 -8.23 -25.46
CA ALA A 741 24.32 -9.52 -24.84
C ALA A 741 23.59 -9.27 -23.55
N GLY A 742 22.77 -10.22 -23.14
CA GLY A 742 21.95 -10.03 -21.96
C GLY A 742 20.89 -8.97 -22.18
N GLY A 743 20.50 -8.32 -21.10
CA GLY A 743 19.48 -7.31 -21.18
C GLY A 743 18.10 -7.81 -21.55
N GLU A 744 17.86 -9.12 -21.46
CA GLU A 744 16.53 -9.68 -21.70
C GLU A 744 15.54 -9.09 -20.69
N PHE A 745 14.32 -8.82 -21.16
CA PHE A 745 13.23 -8.59 -20.25
C PHE A 745 12.64 -9.95 -19.94
N VAL A 746 12.42 -10.22 -18.66
CA VAL A 746 12.02 -11.55 -18.20
C VAL A 746 10.70 -11.49 -17.43
N LEU A 747 9.78 -12.39 -17.78
CA LEU A 747 8.52 -12.59 -17.05
C LEU A 747 8.49 -14.05 -16.60
N PRO A 748 9.28 -14.38 -15.56
CA PRO A 748 9.52 -15.79 -15.20
C PRO A 748 8.28 -16.60 -14.79
N SER A 749 7.26 -15.92 -14.27
CA SER A 749 6.02 -16.60 -13.90
C SER A 749 5.11 -16.89 -15.09
N LEU A 750 5.27 -16.15 -16.18
CA LEU A 750 4.70 -16.52 -17.48
C LEU A 750 5.65 -17.38 -18.30
N GLY A 751 6.86 -17.57 -17.79
CA GLY A 751 7.83 -18.45 -18.39
C GLY A 751 8.38 -17.96 -19.72
N ILE A 752 8.53 -16.65 -19.85
CA ILE A 752 9.04 -16.08 -21.09
C ILE A 752 10.00 -14.93 -20.84
N SER A 753 10.72 -14.59 -21.90
CA SER A 753 11.63 -13.48 -21.93
C SER A 753 11.76 -13.04 -23.38
N PHE A 754 12.34 -11.87 -23.58
CA PHE A 754 12.58 -11.37 -24.94
C PHE A 754 13.61 -10.24 -24.98
N GLN A 755 14.27 -10.12 -26.12
CA GLN A 755 15.13 -8.99 -26.43
C GLN A 755 14.27 -7.89 -27.07
N PRO A 756 14.33 -6.66 -26.54
CA PRO A 756 13.67 -5.56 -27.24
C PRO A 756 14.34 -5.29 -28.58
N LEU A 757 13.55 -5.11 -29.63
CA LEU A 757 14.09 -4.90 -30.98
C LEU A 757 13.98 -3.43 -31.38
N ASP A 758 13.36 -3.12 -32.52
CA ASP A 758 13.32 -1.74 -33.01
C ASP A 758 12.58 -0.87 -32.01
N PHE A 759 11.38 -1.31 -31.65
CA PHE A 759 10.54 -0.60 -30.72
C PHE A 759 9.55 -1.56 -30.09
N THR A 760 10.02 -2.29 -29.09
CA THR A 760 9.18 -3.23 -28.39
C THR A 760 8.53 -2.52 -27.21
N ILE A 761 7.25 -2.81 -27.01
CA ILE A 761 6.48 -2.38 -25.86
C ILE A 761 5.87 -3.59 -25.20
N VAL A 762 5.88 -3.59 -23.87
CA VAL A 762 5.19 -4.59 -23.07
C VAL A 762 4.18 -3.86 -22.20
N VAL A 763 2.97 -4.38 -22.11
CA VAL A 763 1.96 -3.88 -21.19
C VAL A 763 1.63 -5.05 -20.28
N PHE A 764 1.83 -4.88 -18.99
CA PHE A 764 1.65 -5.98 -18.05
C PHE A 764 1.13 -5.48 -16.72
N ALA A 765 0.47 -6.39 -15.99
CA ALA A 765 -0.05 -6.11 -14.67
C ALA A 765 1.05 -6.23 -13.63
N ALA A 766 1.68 -5.10 -13.28
CA ALA A 766 2.92 -5.12 -12.45
C ALA A 766 2.70 -5.37 -10.96
N ASN A 767 1.48 -5.10 -10.48
CA ASN A 767 1.08 -5.55 -9.14
C ASN A 767 1.19 -7.07 -8.97
N THR A 768 0.95 -7.84 -10.05
CA THR A 768 0.78 -9.29 -9.95
C THR A 768 1.65 -10.14 -10.89
N ILE A 769 2.69 -9.54 -11.48
CA ILE A 769 3.56 -10.25 -12.42
C ILE A 769 5.01 -9.86 -12.14
N VAL A 770 5.80 -10.82 -11.65
CA VAL A 770 7.20 -10.56 -11.34
C VAL A 770 7.88 -10.26 -12.67
N HIS A 771 8.78 -9.28 -12.67
CA HIS A 771 9.49 -8.94 -13.89
C HIS A 771 10.83 -8.34 -13.58
N GLY A 772 11.73 -8.45 -14.53
CA GLY A 772 13.02 -7.82 -14.39
C GLY A 772 13.71 -7.67 -15.72
N THR A 773 14.99 -7.36 -15.65
CA THR A 773 15.80 -7.15 -16.82
C THR A 773 17.20 -7.64 -16.49
N ARG A 774 17.62 -8.71 -17.16
CA ARG A 774 18.97 -9.23 -16.99
C ARG A 774 20.01 -8.13 -17.17
N PRO A 775 21.16 -8.25 -16.49
CA PRO A 775 22.25 -7.33 -16.77
C PRO A 775 22.69 -7.49 -18.22
N LEU A 776 23.22 -6.45 -18.84
CA LEU A 776 23.71 -6.50 -20.22
C LEU A 776 25.19 -6.14 -20.31
N GLN A 777 25.86 -6.67 -21.34
CA GLN A 777 27.24 -6.31 -21.69
C GLN A 777 27.18 -5.84 -23.13
N THR A 778 27.91 -4.77 -23.47
CA THR A 778 27.84 -4.15 -24.80
C THR A 778 29.17 -4.12 -25.52
N THR A 779 29.06 -4.15 -26.84
CA THR A 779 30.18 -3.95 -27.74
C THR A 779 29.75 -2.82 -28.66
N GLY A 780 30.64 -1.87 -28.92
CA GLY A 780 30.29 -0.67 -29.68
C GLY A 780 29.65 0.39 -28.78
N LYS A 781 29.05 1.40 -29.40
CA LYS A 781 28.51 2.56 -28.65
C LYS A 781 27.04 2.36 -28.25
N ILE A 782 26.43 1.28 -28.74
CA ILE A 782 24.99 0.97 -28.58
C ILE A 782 24.44 1.32 -27.21
N ILE A 783 23.28 1.96 -27.20
CA ILE A 783 22.56 2.25 -25.98
C ILE A 783 21.14 1.72 -26.13
N ARG A 784 20.69 0.97 -25.12
CA ARG A 784 19.33 0.51 -25.02
C ARG A 784 18.67 1.40 -23.98
N TRP A 785 17.71 2.21 -24.42
CA TRP A 785 16.93 3.08 -23.55
C TRP A 785 15.67 2.37 -23.16
N GLY A 786 15.50 2.13 -21.86
CA GLY A 786 14.28 1.55 -21.34
C GLY A 786 13.47 2.64 -20.67
N SER A 787 12.15 2.53 -20.73
CA SER A 787 11.28 3.52 -20.14
C SER A 787 9.95 2.92 -19.77
N SER A 788 9.56 3.08 -18.51
CA SER A 788 8.24 2.70 -18.05
C SER A 788 7.33 3.92 -17.96
N HIS A 789 6.09 3.76 -18.40
CA HIS A 789 5.04 4.77 -18.20
C HIS A 789 4.05 4.17 -17.25
N PHE A 790 3.98 4.71 -16.03
CA PHE A 790 3.18 4.10 -14.98
C PHE A 790 2.37 5.11 -14.16
N LEU A 791 1.52 4.55 -13.31
CA LEU A 791 0.63 5.30 -12.43
C LEU A 791 1.12 5.12 -11.01
N ARG A 792 1.84 6.13 -10.49
CA ARG A 792 2.23 6.14 -9.08
C ARG A 792 1.14 6.89 -8.30
N PHE A 793 0.25 6.14 -7.64
CA PHE A 793 -0.95 6.72 -7.03
C PHE A 793 -0.70 7.72 -5.88
N LYS A 794 0.42 7.60 -5.15
CA LYS A 794 0.71 8.52 -4.05
C LYS A 794 0.78 9.97 -4.55
N ASP A 795 1.52 10.19 -5.65
CA ASP A 795 1.70 11.53 -6.18
C ASP A 795 0.37 12.08 -6.73
N VAL A 796 -0.40 11.27 -7.45
CA VAL A 796 -1.70 11.76 -7.98
C VAL A 796 -2.69 12.04 -6.84
N ASN A 797 -2.69 11.22 -5.77
CA ASN A 797 -3.58 11.48 -4.62
C ASN A 797 -3.20 12.80 -3.92
N ALA A 798 -1.92 12.97 -3.61
CA ALA A 798 -1.48 14.17 -2.91
C ALA A 798 -1.69 15.42 -3.75
N LEU A 799 -1.48 15.34 -5.07
CA LEU A 799 -1.74 16.48 -5.95
C LEU A 799 -3.22 16.80 -6.10
N ALA A 800 -4.08 15.78 -6.16
CA ALA A 800 -5.54 16.04 -6.15
C ALA A 800 -5.98 16.64 -4.83
N GLN A 801 -5.28 16.28 -3.77
CA GLN A 801 -5.55 16.86 -2.47
C GLN A 801 -5.09 18.32 -2.43
N LEU A 802 -3.89 18.60 -2.91
CA LEU A 802 -3.42 19.99 -3.03
C LEU A 802 -4.32 20.85 -3.91
N GLY A 803 -4.81 20.26 -4.99
CA GLY A 803 -5.75 20.93 -5.87
C GLY A 803 -7.04 21.27 -5.18
N ALA A 804 -7.50 20.38 -4.30
CA ALA A 804 -8.74 20.59 -3.55
C ALA A 804 -8.57 21.73 -2.58
N ALA A 805 -7.48 21.69 -1.83
CA ALA A 805 -7.21 22.67 -0.78
C ALA A 805 -6.98 24.07 -1.32
N TYR A 806 -6.16 24.20 -2.37
CA TYR A 806 -5.72 25.50 -2.89
C TYR A 806 -6.30 25.94 -4.24
N GLY A 807 -6.79 25.01 -5.04
CA GLY A 807 -7.16 25.30 -6.43
C GLY A 807 -6.09 24.74 -7.34
N VAL A 808 -6.51 24.10 -8.43
CA VAL A 808 -5.58 23.43 -9.32
C VAL A 808 -4.67 24.43 -10.01
N ASP A 809 -5.28 25.45 -10.60
CA ASP A 809 -4.53 26.44 -11.37
C ASP A 809 -3.72 27.40 -10.50
N GLU A 810 -3.98 27.43 -9.19
CA GLU A 810 -3.22 28.22 -8.22
C GLU A 810 -1.92 27.57 -7.77
N LEU A 811 -1.71 26.28 -8.05
CA LEU A 811 -0.46 25.60 -7.60
C LEU A 811 0.80 26.15 -8.27
N ASP A 812 0.72 26.52 -9.55
CA ASP A 812 1.89 27.09 -10.24
C ASP A 812 2.31 28.44 -9.65
N ALA A 813 1.33 29.24 -9.26
CA ALA A 813 1.61 30.52 -8.61
C ALA A 813 2.16 30.29 -7.20
N LYS A 814 1.58 29.36 -6.43
CA LYS A 814 2.12 29.04 -5.10
C LYS A 814 3.55 28.50 -5.22
N GLN A 815 3.81 27.63 -6.21
CA GLN A 815 5.17 27.09 -6.39
C GLN A 815 6.15 28.19 -6.78
N ARG A 816 5.72 29.12 -7.63
CA ARG A 816 6.57 30.28 -7.94
C ARG A 816 6.93 31.09 -6.68
N ASP A 817 5.95 31.35 -5.82
CA ASP A 817 6.19 32.13 -4.59
C ASP A 817 7.16 31.41 -3.65
N GLN A 818 6.95 30.09 -3.46
CA GLN A 818 7.79 29.31 -2.56
C GLN A 818 9.25 29.23 -3.05
N LEU A 819 9.47 29.09 -4.37
CA LEU A 819 10.85 29.14 -4.91
C LEU A 819 11.53 30.49 -4.64
N GLU A 820 10.82 31.60 -4.85
CA GLU A 820 11.40 32.95 -4.60
C GLU A 820 11.69 33.17 -3.11
N GLU A 821 10.74 32.81 -2.26
CA GLU A 821 10.91 32.93 -0.81
C GLU A 821 12.12 32.14 -0.27
N VAL A 822 12.34 30.93 -0.80
CA VAL A 822 13.50 30.12 -0.40
C VAL A 822 14.82 30.68 -0.98
N ASP A 823 14.80 31.19 -2.21
CA ASP A 823 16.03 31.72 -2.85
C ASP A 823 16.48 33.00 -2.17
N ALA A 824 15.52 33.85 -1.81
CA ALA A 824 15.80 35.05 -1.03
C ALA A 824 16.41 34.72 0.32
N ALA A 825 15.81 33.77 1.05
CA ALA A 825 16.33 33.31 2.34
C ALA A 825 17.77 32.82 2.24
N ASN A 826 18.05 32.00 1.23
CA ASN A 826 19.42 31.57 0.95
C ASN A 826 20.35 32.77 0.72
N SER A 827 19.91 33.70 -0.11
CA SER A 827 20.72 34.89 -0.44
C SER A 827 20.77 35.98 0.66
N LYS A 828 20.11 35.77 1.81
CA LYS A 828 20.16 36.71 2.95
C LYS A 828 20.86 36.08 4.16
N ASP A 829 20.23 35.06 4.75
CA ASP A 829 20.65 34.50 6.06
C ASP A 829 21.40 33.15 6.01
N GLY A 830 21.73 32.66 4.82
CA GLY A 830 22.41 31.38 4.66
C GLY A 830 21.46 30.25 4.30
N VAL A 831 22.04 29.07 4.10
CA VAL A 831 21.26 27.92 3.61
C VAL A 831 20.41 27.31 4.72
N GLY A 832 20.85 27.43 5.97
CA GLY A 832 20.07 26.92 7.10
C GLY A 832 18.79 27.70 7.37
N ALA A 833 18.78 28.98 7.00
CA ALA A 833 17.55 29.77 6.95
C ALA A 833 16.62 29.22 5.86
N ALA A 834 17.17 29.03 4.67
CA ALA A 834 16.46 28.46 3.53
C ALA A 834 15.83 27.09 3.87
N ARG A 835 16.57 26.25 4.59
CA ARG A 835 16.04 24.98 5.08
C ARG A 835 14.90 25.19 6.09
N ARG A 836 15.04 26.18 6.99
CA ARG A 836 13.93 26.53 7.92
C ARG A 836 12.67 26.89 7.12
N VAL A 837 12.84 27.72 6.08
CA VAL A 837 11.68 28.15 5.26
C VAL A 837 11.05 26.94 4.57
N ALA A 838 11.87 26.06 4.00
CA ALA A 838 11.32 24.89 3.30
C ALA A 838 10.56 23.97 4.26
N SER A 839 11.11 23.71 5.45
CA SER A 839 10.43 22.85 6.44
C SER A 839 9.08 23.43 6.91
N CYS A 840 9.02 24.75 7.07
CA CYS A 840 7.76 25.43 7.45
C CYS A 840 6.70 25.28 6.34
N MET A 841 7.11 25.45 5.07
CA MET A 841 6.20 25.21 3.92
C MET A 841 5.71 23.75 3.88
N ALA A 842 6.57 22.80 4.21
CA ALA A 842 6.16 21.38 4.27
C ALA A 842 5.06 21.13 5.27
N ALA A 843 5.17 21.71 6.48
CA ALA A 843 4.12 21.53 7.49
C ALA A 843 2.78 22.12 7.05
N GLU A 844 2.80 23.26 6.37
CA GLU A 844 1.55 23.86 5.89
C GLU A 844 0.94 23.06 4.76
N ARG A 845 1.78 22.66 3.80
CA ARG A 845 1.35 21.73 2.76
C ARG A 845 0.81 20.44 3.36
N LYS A 846 1.51 19.90 4.36
CA LYS A 846 1.12 18.64 4.97
C LYS A 846 -0.26 18.74 5.61
N ALA A 847 -0.49 19.81 6.34
CA ALA A 847 -1.76 20.02 7.02
C ALA A 847 -2.92 20.16 6.02
N ALA A 848 -2.64 20.84 4.90
CA ALA A 848 -3.61 21.04 3.82
C ALA A 848 -3.99 19.72 3.16
N ILE A 849 -2.97 18.91 2.85
CA ILE A 849 -3.17 17.56 2.30
C ILE A 849 -3.95 16.68 3.29
N GLU A 850 -3.53 16.68 4.56
CA GLU A 850 -4.17 15.81 5.58
C GLU A 850 -5.66 16.11 5.75
N ALA A 851 -6.04 17.39 5.63
CA ALA A 851 -7.44 17.78 5.68
C ALA A 851 -8.24 17.27 4.48
N GLN A 852 -7.70 17.43 3.28
CA GLN A 852 -8.37 16.93 2.09
C GLN A 852 -8.42 15.40 2.08
N LYS A 853 -7.34 14.79 2.56
CA LYS A 853 -7.28 13.35 2.74
C LYS A 853 -8.37 12.88 3.71
N ALA A 854 -8.58 13.63 4.80
CA ALA A 854 -9.67 13.34 5.74
C ALA A 854 -11.07 13.54 5.16
N ALA A 855 -11.20 14.42 4.16
CA ALA A 855 -12.48 14.61 3.45
C ALA A 855 -12.68 13.65 2.29
N CYS A 856 -11.81 12.65 2.15
CA CYS A 856 -11.91 11.60 1.13
C CYS A 856 -11.66 12.11 -0.30
N VAL A 857 -10.86 13.17 -0.43
CA VAL A 857 -10.39 13.59 -1.75
C VAL A 857 -9.33 12.58 -2.18
N ARG A 858 -9.53 11.98 -3.36
CA ARG A 858 -8.55 11.07 -3.95
C ARG A 858 -8.37 11.35 -5.45
N GLY A 859 -7.17 11.09 -5.97
CA GLY A 859 -6.90 11.15 -7.41
C GLY A 859 -7.25 9.86 -8.15
N VAL A 860 -7.20 8.73 -7.46
CA VAL A 860 -7.49 7.42 -8.04
C VAL A 860 -8.38 6.64 -7.09
N VAL A 861 -9.06 5.63 -7.60
CA VAL A 861 -9.86 4.76 -6.75
C VAL A 861 -8.94 3.65 -6.28
N MET A 862 -9.00 3.37 -4.98
CA MET A 862 -8.10 2.43 -4.35
C MET A 862 -8.89 1.44 -3.52
N ASN A 863 -8.37 0.22 -3.47
CA ASN A 863 -8.93 -0.81 -2.60
C ASN A 863 -8.82 -0.29 -1.16
N PRO A 864 -9.97 -0.12 -0.48
CA PRO A 864 -9.91 0.35 0.91
C PRO A 864 -9.28 -0.67 1.86
N CYS A 865 -9.47 -1.97 1.58
CA CYS A 865 -8.80 -3.04 2.35
C CYS A 865 -7.28 -3.01 2.18
N THR A 866 -6.81 -3.02 0.92
CA THR A 866 -5.38 -3.16 0.63
C THR A 866 -4.62 -1.82 0.60
N GLY A 867 -5.35 -0.72 0.40
CA GLY A 867 -4.74 0.61 0.22
C GLY A 867 -3.96 0.77 -1.08
N ARG A 868 -4.25 -0.08 -2.05
CA ARG A 868 -3.58 -0.11 -3.34
C ARG A 868 -4.65 -0.27 -4.41
N MET A 869 -4.24 -0.22 -5.67
CA MET A 869 -5.17 -0.32 -6.79
C MET A 869 -5.54 -1.79 -6.89
N PRO A 870 -6.60 -2.13 -7.63
CA PRO A 870 -6.97 -3.54 -7.74
C PRO A 870 -5.90 -4.38 -8.44
N SER A 871 -5.97 -5.69 -8.24
CA SER A 871 -4.99 -6.63 -8.81
C SER A 871 -5.13 -6.73 -10.32
N LEU A 872 -6.37 -6.81 -10.79
CA LEU A 872 -6.65 -6.82 -12.22
C LEU A 872 -8.04 -6.23 -12.43
N LEU A 873 -8.46 -6.12 -13.68
CA LEU A 873 -9.79 -5.60 -13.97
C LEU A 873 -10.34 -6.27 -15.20
N PHE A 874 -11.66 -6.16 -15.35
CA PHE A 874 -12.38 -6.61 -16.53
C PHE A 874 -12.45 -8.14 -16.65
N TRP A 875 -12.43 -8.82 -15.50
CA TRP A 875 -12.58 -10.28 -15.48
C TRP A 875 -13.80 -10.67 -16.29
N GLN A 876 -13.65 -11.70 -17.11
CA GLN A 876 -14.77 -12.24 -17.85
C GLN A 876 -15.00 -13.68 -17.45
N VAL A 877 -16.20 -13.97 -16.98
CA VAL A 877 -16.60 -15.31 -16.60
C VAL A 877 -17.06 -16.08 -17.83
N TRP A 878 -16.65 -17.34 -17.92
CA TRP A 878 -17.04 -18.22 -19.01
C TRP A 878 -17.78 -19.43 -18.44
N ARG A 879 -18.91 -19.79 -19.05
CA ARG A 879 -19.72 -20.95 -18.65
C ARG A 879 -20.29 -21.68 -19.87
N LYS A 880 -20.27 -23.00 -19.84
CA LYS A 880 -20.68 -23.83 -21.00
C LYS A 880 -21.59 -25.00 -20.55
N PRO A 881 -22.86 -24.71 -20.25
CA PRO A 881 -23.83 -25.73 -19.79
C PRO A 881 -24.25 -26.74 -20.85
N1 5CM B 3 28.55 14.91 -8.95
C2 5CM B 3 28.80 16.01 -7.98
N3 5CM B 3 28.55 17.43 -8.35
C4 5CM B 3 28.04 17.79 -9.65
C5 5CM B 3 27.77 16.72 -10.64
C5A 5CM B 3 27.25 17.06 -12.04
C6 5CM B 3 28.04 15.29 -10.27
O2 5CM B 3 29.22 15.79 -6.89
N4 5CM B 3 27.82 19.21 -9.94
C1' 5CM B 3 28.84 13.55 -8.51
C2' 5CM B 3 28.08 12.55 -8.99
C3' 5CM B 3 29.04 11.24 -8.85
C4' 5CM B 3 30.24 11.68 -9.36
O4' 5CM B 3 30.33 13.14 -8.90
O3' 5CM B 3 29.16 10.87 -7.48
C5' 5CM B 3 30.31 11.63 -10.88
O5' 5CM B 3 30.14 12.92 -11.42
P 5CM B 3 29.56 13.15 -12.94
OP1 5CM B 3 30.59 12.71 -13.95
OP2 5CM B 3 28.29 12.34 -13.12
N1 5CM C 3 10.79 4.59 -9.70
C2 5CM C 3 9.52 4.38 -8.93
N3 5CM C 3 8.46 3.49 -9.47
C4 5CM C 3 8.64 2.81 -10.73
C5 5CM C 3 9.88 3.00 -11.51
C5A 5CM C 3 10.05 2.29 -12.84
C6 5CM C 3 10.96 3.88 -10.97
O2 5CM C 3 9.35 4.93 -7.90
N4 5CM C 3 7.57 1.96 -11.24
C1' 5CM C 3 11.87 5.41 -9.18
C2' 5CM C 3 11.62 6.67 -8.81
C3' 5CM C 3 11.86 6.83 -7.20
C4' 5CM C 3 12.74 5.81 -6.89
O4' 5CM C 3 12.34 4.69 -7.83
O3' 5CM C 3 12.43 8.10 -6.90
C5' 5CM C 3 12.65 5.32 -5.44
O5' 5CM C 3 13.46 4.20 -5.25
P 5CM C 3 12.91 2.88 -4.43
OP1 5CM C 3 11.78 2.22 -5.15
OP2 5CM C 3 14.00 1.90 -4.07
C1 ASC D . 12.61 -3.15 -15.87
C2 ASC D . 11.86 -2.28 -15.01
C3 ASC D . 11.71 -1.05 -15.60
C4 ASC D . 12.36 -1.00 -16.91
C5 ASC D . 13.42 0.03 -16.93
C6 ASC D . 12.80 1.46 -16.79
O1 ASC D . 12.83 -4.30 -15.66
O2 ASC D . 10.83 -2.80 -14.23
O3 ASC D . 10.58 -0.26 -15.36
O4 ASC D . 13.03 -2.34 -17.03
O5 ASC D . 14.12 -0.03 -18.16
O6 ASC D . 12.57 1.80 -15.45
C1 EDO E . -1.85 2.80 21.32
O1 EDO E . -1.71 1.45 21.76
C2 EDO E . -0.57 3.57 21.67
O2 EDO E . -0.53 4.89 21.07
C1 EDO F . 10.30 -4.91 -4.90
O1 EDO F . 10.15 -6.34 -5.01
C2 EDO F . 11.50 -4.59 -4.01
O2 EDO F . 11.20 -4.93 -2.65
C1 IPA G . 20.77 13.49 -26.73
C2 IPA G . 21.22 13.96 -25.33
C3 IPA G . 22.44 13.20 -24.79
O2 IPA G . 21.49 15.35 -25.32
FE FE2 H . 9.19 -2.39 -12.65
#